data_5NVK
#
_entry.id   5NVK
#
_cell.length_a   135.320
_cell.length_b   135.320
_cell.length_c   60.910
_cell.angle_alpha   90.00
_cell.angle_beta   90.00
_cell.angle_gamma   90.00
#
_symmetry.space_group_name_H-M   'P 42'
#
loop_
_entity.id
_entity.type
_entity.pdbx_description
1 polymer 'Eukaryotic translation initiation factor 4E type 2'
2 polymer 'GRB10-interacting GYF protein 1'
#
loop_
_entity_poly.entity_id
_entity_poly.type
_entity_poly.pdbx_seq_one_letter_code
_entity_poly.pdbx_strand_id
1 'polypeptide(L)'
;GPHMLEAEHPLQYNYTFWYSRRTPGRPTSSQSYEQNIKQIGTFASVEQFWRFYSHMVRPGDLTGHSDFHLFKEGIKPMWE
DDANKNGGKWIIRLRKGLASRCWENLILAMLGEQFMVGEEICGAVVSVRFQEDIISIWNKTASDQATTARIRDTLRRVLN
LPPNTIMEYKTHTDSIKMPGRLGPQRLLF
;
A,C,E,G
2 'polypeptide(L)' GPHMKYKLADYRYGREEMLALYVKENKVPEELQDKEFAAVLQDEPLQPLALEPLTEEEQRNFSLSVNSVAVLRLM B,D,F,H
#
# COMPACT_ATOMS: atom_id res chain seq x y z
N ALA A 7 0.90 4.32 46.61
CA ALA A 7 2.22 4.08 47.18
C ALA A 7 3.30 4.42 46.17
N GLU A 8 4.46 4.86 46.66
CA GLU A 8 5.53 5.35 45.80
C GLU A 8 6.32 4.20 45.18
N HIS A 9 6.96 4.50 44.06
CA HIS A 9 7.70 3.50 43.31
C HIS A 9 9.17 3.57 43.68
N PRO A 10 9.72 2.59 44.41
CA PRO A 10 11.10 2.72 44.89
C PRO A 10 12.11 2.76 43.75
N LEU A 11 13.30 3.21 44.08
CA LEU A 11 14.45 3.14 43.19
C LEU A 11 15.40 2.04 43.66
N GLN A 12 16.08 1.42 42.71
CA GLN A 12 17.04 0.37 43.07
C GLN A 12 18.04 0.89 44.10
N TYR A 13 18.42 2.16 44.00
CA TYR A 13 19.33 2.79 44.94
C TYR A 13 18.79 4.14 45.35
N ASN A 14 19.20 4.58 46.54
CA ASN A 14 19.00 5.97 46.95
C ASN A 14 20.06 6.84 46.27
N TYR A 15 19.64 8.02 45.84
CA TYR A 15 20.53 8.97 45.17
C TYR A 15 20.51 10.30 45.91
N THR A 16 21.59 11.06 45.74
CA THR A 16 21.79 12.31 46.44
C THR A 16 22.19 13.39 45.44
N PHE A 17 21.47 14.51 45.47
CA PHE A 17 21.82 15.67 44.65
C PHE A 17 22.89 16.51 45.34
N TRP A 18 23.85 16.99 44.54
CA TRP A 18 24.88 17.90 45.02
C TRP A 18 24.99 19.08 44.07
N TYR A 19 25.39 20.23 44.62
CA TYR A 19 25.56 21.46 43.86
C TYR A 19 26.91 22.06 44.18
N SER A 20 27.51 22.73 43.19
CA SER A 20 28.79 23.38 43.38
C SER A 20 28.90 24.57 42.44
N ARG A 21 29.58 25.61 42.91
CA ARG A 21 29.77 26.85 42.16
C ARG A 21 31.26 27.20 42.20
N ARG A 22 31.94 27.01 41.08
CA ARG A 22 33.37 27.23 41.03
C ARG A 22 33.68 28.73 41.06
N THR A 23 34.96 29.04 41.26
CA THR A 23 35.41 30.42 41.33
C THR A 23 35.44 31.02 39.92
N PRO A 24 34.89 32.22 39.71
CA PRO A 24 34.88 32.83 38.38
C PRO A 24 36.12 33.69 38.10
N GLU A 34 36.78 26.97 44.06
CA GLU A 34 36.09 26.88 45.34
C GLU A 34 34.91 25.91 45.26
N GLN A 35 35.20 24.66 44.89
CA GLN A 35 34.16 23.65 44.75
C GLN A 35 33.37 23.49 46.04
N ASN A 36 32.16 24.06 46.07
CA ASN A 36 31.29 23.86 47.24
C ASN A 36 31.03 22.38 47.46
N ILE A 37 30.43 21.72 46.47
CA ILE A 37 29.99 20.34 46.55
C ILE A 37 29.27 20.11 47.87
N LYS A 38 28.23 20.91 48.12
CA LYS A 38 27.34 20.70 49.24
C LYS A 38 26.18 19.83 48.78
N GLN A 39 25.79 18.86 49.60
CA GLN A 39 24.70 17.98 49.21
C GLN A 39 23.37 18.64 49.50
N ILE A 40 22.41 18.43 48.60
CA ILE A 40 21.08 19.02 48.72
C ILE A 40 20.20 18.07 49.51
N GLY A 41 19.84 16.94 48.92
CA GLY A 41 19.00 15.98 49.59
C GLY A 41 19.12 14.61 48.95
N THR A 42 18.44 13.65 49.57
CA THR A 42 18.48 12.26 49.15
C THR A 42 17.06 11.78 48.94
N PHE A 43 16.88 10.88 47.98
CA PHE A 43 15.56 10.36 47.65
C PHE A 43 15.65 8.88 47.30
N ALA A 44 14.54 8.17 47.51
CA ALA A 44 14.50 6.73 47.35
C ALA A 44 13.44 6.24 46.37
N SER A 45 12.63 7.13 45.83
CA SER A 45 11.55 6.74 44.92
C SER A 45 11.53 7.68 43.74
N VAL A 46 10.72 7.32 42.73
CA VAL A 46 10.57 8.18 41.57
C VAL A 46 9.84 9.45 41.95
N GLU A 47 8.88 9.36 42.89
CA GLU A 47 8.14 10.54 43.28
C GLU A 47 9.01 11.51 44.06
N GLN A 48 9.83 11.00 44.99
CA GLN A 48 10.74 11.86 45.72
C GLN A 48 11.73 12.53 44.78
N PHE A 49 12.06 11.88 43.66
CA PHE A 49 12.96 12.47 42.69
C PHE A 49 12.33 13.69 42.02
N TRP A 50 11.09 13.53 41.53
CA TRP A 50 10.43 14.64 40.84
C TRP A 50 10.19 15.82 41.78
N ARG A 51 9.99 15.56 43.07
CA ARG A 51 9.80 16.66 44.02
C ARG A 51 11.05 17.53 44.09
N PHE A 52 12.23 16.92 44.01
CA PHE A 52 13.47 17.69 43.98
C PHE A 52 13.68 18.31 42.61
N TYR A 53 13.71 17.48 41.56
CA TYR A 53 14.10 17.94 40.23
C TYR A 53 13.14 19.00 39.70
N SER A 54 11.84 18.85 39.97
CA SER A 54 10.87 19.82 39.49
C SER A 54 11.10 21.20 40.11
N HIS A 55 11.76 21.26 41.27
CA HIS A 55 12.04 22.51 41.95
C HIS A 55 13.52 22.87 41.88
N MET A 56 14.20 22.42 40.83
CA MET A 56 15.61 22.76 40.59
C MET A 56 15.72 23.45 39.24
N VAL A 57 16.49 24.54 39.22
CA VAL A 57 16.73 25.25 37.98
C VAL A 57 17.42 24.33 36.99
N ARG A 58 17.01 24.41 35.73
CA ARG A 58 17.66 23.63 34.69
C ARG A 58 19.13 24.03 34.61
N PRO A 59 20.04 23.09 34.35
CA PRO A 59 21.45 23.49 34.22
C PRO A 59 21.68 24.53 33.15
N GLY A 60 20.91 24.50 32.06
CA GLY A 60 21.05 25.48 31.01
C GLY A 60 20.81 26.90 31.46
N ASP A 61 20.10 27.11 32.56
CA ASP A 61 19.81 28.44 33.07
C ASP A 61 20.77 28.89 34.15
N LEU A 62 21.70 28.04 34.58
CA LEU A 62 22.64 28.42 35.63
C LEU A 62 23.70 29.37 35.09
N THR A 63 24.03 30.37 35.88
CA THR A 63 25.03 31.37 35.52
C THR A 63 26.36 31.01 36.15
N GLY A 64 27.44 31.29 35.44
CA GLY A 64 28.75 31.00 35.96
C GLY A 64 29.09 29.53 35.87
N HIS A 65 30.10 29.13 36.64
CA HIS A 65 30.66 27.79 36.59
C HIS A 65 30.02 26.96 37.70
N SER A 66 28.93 26.27 37.37
CA SER A 66 28.15 25.51 38.33
C SER A 66 28.11 24.04 37.93
N ASP A 67 27.80 23.18 38.90
CA ASP A 67 27.72 21.75 38.67
C ASP A 67 26.57 21.16 39.47
N PHE A 68 25.83 20.25 38.84
CA PHE A 68 24.93 19.35 39.54
C PHE A 68 25.55 17.96 39.54
N HIS A 69 25.55 17.31 40.69
CA HIS A 69 26.03 15.94 40.83
C HIS A 69 24.88 15.09 41.33
N LEU A 70 24.68 13.93 40.71
CA LEU A 70 23.64 12.99 41.11
C LEU A 70 24.31 11.64 41.32
N PHE A 71 24.58 11.30 42.58
CA PHE A 71 25.30 10.08 42.92
C PHE A 71 24.47 9.22 43.86
N LYS A 72 24.74 7.92 43.82
CA LYS A 72 24.13 7.00 44.77
C LYS A 72 24.45 7.45 46.19
N GLU A 73 23.51 7.19 47.10
CA GLU A 73 23.77 7.45 48.51
C GLU A 73 24.97 6.64 48.97
N GLY A 74 25.95 7.31 49.57
CA GLY A 74 27.18 6.70 50.01
C GLY A 74 28.37 7.01 49.14
N ILE A 75 28.17 7.51 47.93
CA ILE A 75 29.25 7.84 47.01
C ILE A 75 29.34 9.35 46.94
N LYS A 76 30.48 9.87 47.26
CA LYS A 76 30.75 11.31 47.24
C LYS A 76 31.23 11.72 45.84
N PRO A 77 30.83 12.89 45.33
CA PRO A 77 31.15 13.22 43.92
C PRO A 77 32.62 13.52 43.69
N MET A 78 33.52 12.71 44.24
CA MET A 78 34.95 12.97 44.17
C MET A 78 35.67 11.66 43.92
N TRP A 79 36.80 11.74 43.21
CA TRP A 79 37.55 10.54 42.88
C TRP A 79 38.14 9.87 44.11
N GLU A 80 38.36 10.63 45.19
CA GLU A 80 38.93 10.04 46.40
C GLU A 80 38.00 9.02 47.04
N ASP A 81 36.70 9.10 46.76
CA ASP A 81 35.76 8.15 47.35
C ASP A 81 36.19 6.74 47.01
N ASP A 82 35.86 5.80 47.91
CA ASP A 82 36.31 4.43 47.73
C ASP A 82 35.74 3.81 46.46
N ALA A 83 34.54 4.22 46.06
CA ALA A 83 33.90 3.67 44.87
C ALA A 83 34.41 4.29 43.57
N ASN A 84 35.18 5.37 43.64
CA ASN A 84 35.63 6.08 42.45
C ASN A 84 37.14 6.05 42.25
N LYS A 85 37.93 5.80 43.29
CA LYS A 85 39.38 5.95 43.16
C LYS A 85 39.96 5.05 42.08
N ASN A 86 39.30 3.93 41.78
CA ASN A 86 39.72 3.06 40.69
C ASN A 86 38.76 3.14 39.50
N GLY A 87 37.90 4.15 39.47
CA GLY A 87 36.89 4.28 38.43
C GLY A 87 37.25 5.29 37.37
N GLY A 88 36.24 5.62 36.55
CA GLY A 88 36.39 6.58 35.48
C GLY A 88 35.03 7.10 35.08
N LYS A 89 35.01 7.95 34.06
CA LYS A 89 33.78 8.58 33.61
C LYS A 89 33.81 8.78 32.10
N TRP A 90 32.69 8.46 31.44
CA TRP A 90 32.47 8.87 30.07
C TRP A 90 32.07 10.33 30.02
N ILE A 91 32.59 11.05 29.04
CA ILE A 91 32.47 12.51 28.98
C ILE A 91 32.04 12.90 27.58
N ILE A 92 31.00 13.72 27.49
CA ILE A 92 30.58 14.35 26.24
C ILE A 92 30.52 15.85 26.46
N ARG A 93 31.20 16.60 25.60
CA ARG A 93 31.28 18.05 25.68
C ARG A 93 30.30 18.64 24.68
N LEU A 94 29.28 19.32 25.18
CA LEU A 94 28.15 19.74 24.38
C LEU A 94 28.21 21.24 24.07
N ARG A 95 27.65 21.61 22.92
CA ARG A 95 27.41 23.01 22.64
C ARG A 95 26.31 23.53 23.56
N LYS A 96 26.19 24.86 23.62
CA LYS A 96 25.24 25.47 24.53
C LYS A 96 23.81 25.25 24.07
N GLY A 97 22.93 24.98 25.04
CA GLY A 97 21.52 24.83 24.78
C GLY A 97 21.03 23.40 24.78
N LEU A 98 21.88 22.43 25.09
CA LEU A 98 21.50 21.02 25.05
C LEU A 98 21.65 20.30 26.38
N ALA A 99 22.42 20.85 27.32
CA ALA A 99 22.71 20.11 28.55
C ALA A 99 21.44 19.75 29.31
N SER A 100 20.46 20.65 29.33
CA SER A 100 19.30 20.46 30.18
C SER A 100 18.53 19.20 29.79
N ARG A 101 18.28 19.01 28.49
CA ARG A 101 17.55 17.83 28.06
C ARG A 101 18.40 16.57 28.16
N CYS A 102 19.67 16.64 27.75
CA CYS A 102 20.56 15.51 27.91
C CYS A 102 20.68 15.12 29.38
N TRP A 103 20.92 16.11 30.24
CA TRP A 103 20.98 15.86 31.67
C TRP A 103 19.73 15.15 32.16
N GLU A 104 18.57 15.55 31.65
CA GLU A 104 17.33 14.90 32.07
C GLU A 104 17.29 13.45 31.58
N ASN A 105 17.53 13.24 30.29
CA ASN A 105 17.55 11.87 29.76
C ASN A 105 18.57 11.02 30.50
N LEU A 106 19.75 11.57 30.77
CA LEU A 106 20.81 10.78 31.39
C LEU A 106 20.38 10.27 32.77
N ILE A 107 19.82 11.14 33.60
CA ILE A 107 19.49 10.73 34.96
C ILE A 107 18.23 9.87 34.97
N LEU A 108 17.29 10.09 34.05
CA LEU A 108 16.13 9.21 33.96
C LEU A 108 16.55 7.78 33.65
N ALA A 109 17.54 7.62 32.78
CA ALA A 109 18.06 6.28 32.49
C ALA A 109 18.78 5.70 33.70
N MET A 110 19.60 6.51 34.36
CA MET A 110 20.36 6.02 35.52
C MET A 110 19.42 5.59 36.63
N LEU A 111 18.49 6.46 37.03
CA LEU A 111 17.56 6.11 38.10
C LEU A 111 16.66 4.95 37.71
N GLY A 112 16.29 4.84 36.43
CA GLY A 112 15.47 3.76 35.95
C GLY A 112 16.18 2.46 35.72
N GLU A 113 17.47 2.37 36.06
CA GLU A 113 18.25 1.15 35.89
C GLU A 113 18.20 0.67 34.44
N GLN A 114 18.51 1.59 33.53
CA GLN A 114 18.50 1.31 32.10
C GLN A 114 19.88 1.08 31.51
N PHE A 115 20.93 1.03 32.35
CA PHE A 115 22.28 0.90 31.83
C PHE A 115 22.80 -0.54 31.79
N MET A 116 22.35 -1.39 32.71
CA MET A 116 22.61 -2.84 32.63
C MET A 116 24.09 -3.16 32.87
N VAL A 117 24.63 -2.67 34.00
CA VAL A 117 25.99 -3.00 34.38
C VAL A 117 26.10 -3.26 35.87
N GLY A 118 25.00 -3.73 36.47
CA GLY A 118 25.04 -4.07 37.89
C GLY A 118 25.22 -2.85 38.77
N GLU A 119 26.16 -2.95 39.70
CA GLU A 119 26.43 -1.87 40.65
C GLU A 119 27.61 -1.01 40.22
N GLU A 120 27.97 -1.04 38.93
CA GLU A 120 29.15 -0.35 38.47
C GLU A 120 28.95 1.16 38.33
N ILE A 121 27.71 1.61 38.16
CA ILE A 121 27.46 3.05 38.05
C ILE A 121 27.62 3.69 39.42
N CYS A 122 28.16 4.89 39.44
CA CYS A 122 28.34 5.69 40.65
C CYS A 122 27.49 6.94 40.66
N GLY A 123 27.44 7.65 39.54
CA GLY A 123 26.67 8.88 39.48
C GLY A 123 26.91 9.58 38.15
N ALA A 124 26.24 10.71 38.00
CA ALA A 124 26.33 11.52 36.80
C ALA A 124 26.57 12.97 37.21
N VAL A 125 27.18 13.72 36.30
CA VAL A 125 27.51 15.12 36.54
C VAL A 125 27.15 15.92 35.30
N VAL A 126 26.59 17.11 35.50
CA VAL A 126 26.43 18.10 34.45
C VAL A 126 27.14 19.36 34.92
N SER A 127 28.00 19.91 34.07
CA SER A 127 28.87 21.02 34.43
C SER A 127 28.62 22.15 33.44
N VAL A 128 28.07 23.26 33.93
CA VAL A 128 27.78 24.41 33.11
C VAL A 128 29.04 25.27 33.04
N ARG A 129 29.49 25.56 31.83
CA ARG A 129 30.70 26.35 31.63
C ARG A 129 30.46 27.46 30.63
N PHE A 130 31.53 28.15 30.23
CA PHE A 130 31.42 29.40 29.48
C PHE A 130 30.81 29.17 28.11
N GLN A 131 31.55 28.50 27.23
CA GLN A 131 31.14 28.29 25.85
C GLN A 131 30.80 26.83 25.56
N GLU A 132 30.54 26.03 26.60
CA GLU A 132 30.19 24.63 26.43
C GLU A 132 29.64 24.12 27.76
N ASP A 133 29.03 22.94 27.69
CA ASP A 133 28.63 22.19 28.87
C ASP A 133 29.17 20.78 28.77
N ILE A 134 29.49 20.19 29.91
CA ILE A 134 30.01 18.83 29.98
C ILE A 134 29.10 18.01 30.87
N ILE A 135 28.62 16.88 30.35
CA ILE A 135 27.90 15.90 31.13
C ILE A 135 28.71 14.61 31.13
N SER A 136 28.73 13.92 32.27
CA SER A 136 29.51 12.71 32.42
C SER A 136 28.75 11.70 33.26
N ILE A 137 29.13 10.43 33.12
CA ILE A 137 28.59 9.36 33.94
C ILE A 137 29.76 8.53 34.45
N TRP A 138 29.80 8.32 35.77
CA TRP A 138 30.94 7.68 36.43
C TRP A 138 30.66 6.21 36.69
N ASN A 139 31.71 5.40 36.62
CA ASN A 139 31.61 3.98 36.97
C ASN A 139 32.76 3.60 37.90
N LYS A 140 32.66 2.37 38.42
CA LYS A 140 33.43 1.99 39.61
C LYS A 140 34.83 1.51 39.28
N THR A 141 34.99 0.71 38.23
CA THR A 141 36.29 0.16 37.85
C THR A 141 36.53 0.43 36.37
N ALA A 142 37.59 1.17 36.07
CA ALA A 142 37.86 1.60 34.70
C ALA A 142 38.37 0.48 33.81
N SER A 143 38.99 -0.55 34.39
CA SER A 143 39.51 -1.65 33.59
C SER A 143 38.43 -2.62 33.16
N ASP A 144 37.20 -2.46 33.65
CA ASP A 144 36.08 -3.32 33.27
C ASP A 144 35.60 -2.85 31.90
N GLN A 145 36.30 -3.32 30.87
CA GLN A 145 36.00 -2.88 29.50
C GLN A 145 34.58 -3.27 29.11
N ALA A 146 34.13 -4.45 29.54
CA ALA A 146 32.74 -4.84 29.31
C ALA A 146 31.78 -3.78 29.83
N THR A 147 32.04 -3.23 31.01
CA THR A 147 31.16 -2.23 31.59
C THR A 147 31.28 -0.90 30.88
N THR A 148 32.51 -0.44 30.64
CA THR A 148 32.71 0.88 30.03
C THR A 148 32.16 0.90 28.61
N ALA A 149 32.32 -0.19 27.85
CA ALA A 149 31.78 -0.23 26.50
C ALA A 149 30.26 -0.24 26.52
N ARG A 150 29.66 -0.97 27.45
CA ARG A 150 28.21 -1.03 27.52
C ARG A 150 27.62 0.31 27.91
N ILE A 151 28.25 1.02 28.85
CA ILE A 151 27.80 2.36 29.23
C ILE A 151 27.93 3.31 28.03
N ARG A 152 29.00 3.16 27.25
CA ARG A 152 29.17 4.00 26.06
C ARG A 152 27.97 3.86 25.13
N ASP A 153 27.65 2.64 24.73
CA ASP A 153 26.57 2.43 23.77
C ASP A 153 25.24 2.87 24.35
N THR A 154 25.03 2.67 25.65
CA THR A 154 23.79 3.13 26.26
C THR A 154 23.69 4.64 26.24
N LEU A 155 24.81 5.33 26.44
CA LEU A 155 24.80 6.79 26.36
C LEU A 155 24.33 7.25 24.99
N ARG A 156 24.86 6.66 23.93
CA ARG A 156 24.47 7.04 22.57
C ARG A 156 22.96 6.89 22.39
N ARG A 157 22.40 5.78 22.85
CA ARG A 157 21.00 5.50 22.58
C ARG A 157 20.08 6.39 23.41
N VAL A 158 20.38 6.59 24.70
CA VAL A 158 19.47 7.36 25.54
C VAL A 158 19.53 8.84 25.19
N LEU A 159 20.69 9.32 24.72
CA LEU A 159 20.83 10.73 24.35
C LEU A 159 20.62 10.97 22.86
N ASN A 160 20.33 9.93 22.09
CA ASN A 160 20.11 10.07 20.66
C ASN A 160 21.24 10.86 20.00
N LEU A 161 22.46 10.51 20.37
CA LEU A 161 23.60 11.21 19.80
C LEU A 161 23.62 10.99 18.29
N PRO A 162 23.83 12.03 17.50
CA PRO A 162 23.99 11.82 16.05
C PRO A 162 25.30 11.09 15.77
N PRO A 163 25.43 10.52 14.57
CA PRO A 163 26.66 9.77 14.27
C PRO A 163 27.89 10.66 14.31
N ASN A 164 29.01 10.05 14.65
CA ASN A 164 30.31 10.74 14.69
C ASN A 164 30.39 11.74 15.84
N THR A 165 29.63 11.53 16.90
CA THR A 165 29.77 12.34 18.09
C THR A 165 31.05 11.98 18.83
N ILE A 166 31.66 12.98 19.45
CA ILE A 166 32.91 12.78 20.18
C ILE A 166 32.58 12.53 21.64
N MET A 167 33.17 11.48 22.20
CA MET A 167 33.09 11.19 23.62
C MET A 167 34.47 10.77 24.10
N GLU A 168 34.70 10.93 25.40
CA GLU A 168 35.98 10.60 25.99
C GLU A 168 35.77 9.91 27.32
N TYR A 169 36.47 8.80 27.52
CA TYR A 169 36.54 8.14 28.80
C TYR A 169 37.86 8.52 29.46
N LYS A 170 37.79 9.11 30.65
CA LYS A 170 38.96 9.45 31.44
C LYS A 170 38.98 8.62 32.71
N THR A 171 40.14 8.07 33.03
CA THR A 171 40.34 7.46 34.34
C THR A 171 40.70 8.53 35.35
N HIS A 172 40.05 8.48 36.52
CA HIS A 172 40.20 9.56 37.49
C HIS A 172 41.67 9.75 37.88
N THR A 173 42.38 8.64 38.09
CA THR A 173 43.79 8.74 38.48
C THR A 173 44.60 9.54 37.48
N ASP A 174 44.24 9.49 36.20
CA ASP A 174 44.97 10.23 35.17
C ASP A 174 44.65 11.72 35.18
N SER A 175 43.67 12.16 35.96
CA SER A 175 43.30 13.57 36.05
C SER A 175 44.04 14.29 37.17
N ILE A 176 44.83 13.58 37.97
CA ILE A 176 45.55 14.17 39.09
C ILE A 176 46.78 14.89 38.57
N LYS A 177 47.04 16.08 39.10
CA LYS A 177 48.25 16.82 38.76
C LYS A 177 49.34 16.48 39.77
N MET A 178 50.52 16.15 39.25
CA MET A 178 51.65 15.76 40.08
C MET A 178 52.92 16.06 39.30
N PRO A 179 54.07 16.14 39.98
CA PRO A 179 55.31 16.48 39.28
C PRO A 179 55.48 15.67 38.01
N GLY A 180 55.86 16.35 36.94
CA GLY A 180 55.92 15.74 35.63
C GLY A 180 54.58 15.64 34.93
N ARG A 181 53.48 15.95 35.60
CA ARG A 181 52.16 15.94 34.98
C ARG A 181 51.33 17.10 35.50
N LEU A 182 51.96 18.26 35.69
CA LEU A 182 51.29 19.43 36.21
C LEU A 182 50.46 20.16 35.16
N GLY A 183 50.56 19.78 33.90
CA GLY A 183 49.92 20.52 32.83
C GLY A 183 50.61 21.86 32.63
N PRO A 184 50.03 22.70 31.79
CA PRO A 184 50.62 24.04 31.59
C PRO A 184 50.44 24.91 32.81
N GLN A 185 51.45 25.76 33.05
CA GLN A 185 51.47 26.62 34.23
C GLN A 185 52.19 27.91 33.88
N ARG A 186 51.86 28.97 34.63
CA ARG A 186 52.52 30.25 34.43
C ARG A 186 53.86 30.30 35.15
N LEU A 187 54.65 31.31 34.80
CA LEU A 187 55.96 31.49 35.41
C LEU A 187 56.13 32.92 35.91
N LEU B 8 19.17 -8.47 35.19
CA LEU B 8 18.41 -7.23 35.32
C LEU B 8 18.22 -6.84 36.79
N ALA B 9 17.94 -5.56 37.02
CA ALA B 9 17.75 -5.06 38.37
C ALA B 9 16.31 -5.31 38.83
N ASP B 10 16.14 -5.35 40.15
CA ASP B 10 14.80 -5.58 40.72
C ASP B 10 13.86 -4.44 40.38
N TYR B 11 14.29 -3.20 40.58
CA TYR B 11 13.48 -2.02 40.33
C TYR B 11 14.00 -1.32 39.08
N ARG B 12 13.20 -1.35 38.01
CA ARG B 12 13.54 -0.72 36.75
C ARG B 12 12.37 0.12 36.27
N TYR B 13 12.69 1.20 35.57
CA TYR B 13 11.66 2.11 35.06
C TYR B 13 12.12 2.67 33.73
N GLY B 14 11.34 2.43 32.68
CA GLY B 14 11.60 3.04 31.40
C GLY B 14 11.36 4.54 31.42
N ARG B 15 11.80 5.18 30.33
CA ARG B 15 11.67 6.63 30.24
C ARG B 15 10.22 7.06 30.36
N GLU B 16 9.30 6.37 29.66
CA GLU B 16 7.91 6.77 29.68
C GLU B 16 7.30 6.63 31.08
N GLU B 17 7.53 5.48 31.72
CA GLU B 17 6.97 5.27 33.06
C GLU B 17 7.47 6.33 34.03
N MET B 18 8.76 6.66 33.97
CA MET B 18 9.30 7.71 34.82
C MET B 18 8.52 9.00 34.67
N LEU B 19 8.11 9.33 33.44
CA LEU B 19 7.42 10.58 33.18
C LEU B 19 5.98 10.52 33.66
N ALA B 20 5.28 9.43 33.35
CA ALA B 20 3.90 9.28 33.78
C ALA B 20 3.75 9.39 35.30
N LEU B 21 4.85 9.23 36.04
CA LEU B 21 4.82 9.35 37.48
C LEU B 21 5.12 10.76 37.97
N TYR B 22 5.27 11.72 37.07
CA TYR B 22 5.40 13.11 37.47
C TYR B 22 4.04 13.66 37.86
N VAL B 23 4.02 14.45 38.94
CA VAL B 23 2.81 15.09 39.43
C VAL B 23 3.16 16.49 39.89
N LYS B 24 2.52 17.51 39.29
CA LYS B 24 2.75 18.88 39.73
C LYS B 24 2.52 18.99 41.23
N GLU B 25 3.50 19.57 41.91
CA GLU B 25 3.43 19.71 43.36
C GLU B 25 4.12 21.02 43.72
N ASN B 26 3.34 21.99 44.17
CA ASN B 26 3.88 23.30 44.52
C ASN B 26 4.71 23.27 45.79
N LYS B 27 4.66 22.18 46.57
CA LYS B 27 5.48 22.06 47.76
C LYS B 27 6.95 22.04 47.37
N VAL B 28 7.75 22.86 48.03
CA VAL B 28 9.20 22.89 47.83
C VAL B 28 9.85 22.12 48.98
N PRO B 29 10.71 21.14 48.71
CA PRO B 29 11.42 20.47 49.81
C PRO B 29 12.22 21.46 50.63
N GLU B 30 12.21 21.28 51.95
CA GLU B 30 12.95 22.18 52.83
C GLU B 30 14.42 22.25 52.42
N GLU B 31 14.99 21.11 52.03
CA GLU B 31 16.42 21.08 51.71
C GLU B 31 16.79 22.17 50.70
N LEU B 32 15.89 22.45 49.75
CA LEU B 32 16.18 23.45 48.72
C LEU B 32 15.94 24.87 49.20
N GLN B 33 15.12 25.05 50.24
CA GLN B 33 14.95 26.37 50.83
C GLN B 33 16.19 26.84 51.57
N ASP B 34 17.20 25.97 51.70
CA ASP B 34 18.48 26.37 52.26
C ASP B 34 19.03 27.57 51.51
N LYS B 35 19.64 28.49 52.26
CA LYS B 35 20.12 29.74 51.66
C LYS B 35 21.24 29.51 50.65
N GLU B 36 22.02 28.45 50.84
CA GLU B 36 23.13 28.16 49.94
C GLU B 36 22.65 27.82 48.53
N PHE B 37 21.40 27.41 48.36
CA PHE B 37 20.88 26.97 47.06
C PHE B 37 19.91 27.99 46.46
N ALA B 38 20.01 29.26 46.84
CA ALA B 38 19.16 30.28 46.27
C ALA B 38 19.21 30.25 44.75
N ALA B 39 20.42 30.20 44.19
CA ALA B 39 20.58 30.17 42.74
C ALA B 39 20.03 28.90 42.11
N VAL B 40 19.73 27.89 42.92
CA VAL B 40 19.19 26.63 42.40
C VAL B 40 17.68 26.54 42.60
N LEU B 41 17.11 27.31 43.51
CA LEU B 41 15.71 27.14 43.88
C LEU B 41 14.79 27.53 42.74
N GLN B 42 13.82 26.67 42.46
CA GLN B 42 12.75 26.94 41.49
C GLN B 42 11.43 26.80 42.23
N ASP B 43 10.78 27.93 42.51
CA ASP B 43 9.56 27.92 43.31
C ASP B 43 8.42 27.23 42.57
N GLU B 44 8.01 27.77 41.43
CA GLU B 44 6.95 27.15 40.65
C GLU B 44 7.47 25.86 40.04
N PRO B 45 6.77 24.73 40.21
CA PRO B 45 7.29 23.47 39.68
C PRO B 45 7.32 23.49 38.16
N LEU B 46 8.36 22.91 37.59
CA LEU B 46 8.53 22.79 36.15
C LEU B 46 8.37 21.33 35.74
N GLN B 47 7.57 21.11 34.71
CA GLN B 47 7.36 19.77 34.21
C GLN B 47 8.62 19.27 33.50
N PRO B 48 8.73 17.96 33.29
CA PRO B 48 9.92 17.43 32.61
C PRO B 48 10.05 18.01 31.21
N LEU B 49 11.30 18.30 30.82
CA LEU B 49 11.56 18.80 29.48
C LEU B 49 11.14 17.81 28.39
N ALA B 50 11.08 16.52 28.72
CA ALA B 50 10.68 15.53 27.72
C ALA B 50 9.30 15.80 27.16
N LEU B 51 8.43 16.47 27.91
CA LEU B 51 7.07 16.70 27.47
C LEU B 51 6.93 17.98 26.64
N GLU B 52 7.83 18.92 26.79
CA GLU B 52 7.77 20.14 26.00
C GLU B 52 8.46 19.92 24.66
N PRO B 53 7.84 20.24 23.53
CA PRO B 53 8.45 19.92 22.24
C PRO B 53 9.72 20.72 22.01
N LEU B 54 10.60 20.15 21.19
CA LEU B 54 11.84 20.84 20.85
C LEU B 54 11.55 21.99 19.90
N THR B 55 12.30 23.07 20.06
CA THR B 55 12.23 24.16 19.09
C THR B 55 12.94 23.73 17.82
N GLU B 56 12.53 24.32 16.68
CA GLU B 56 13.16 23.94 15.42
C GLU B 56 14.66 24.17 15.44
N GLU B 57 15.15 25.12 16.26
CA GLU B 57 16.59 25.24 16.44
C GLU B 57 17.12 24.09 17.29
N GLU B 58 16.42 23.76 18.38
CA GLU B 58 16.82 22.62 19.19
C GLU B 58 16.89 21.35 18.37
N GLN B 59 16.07 21.26 17.32
CA GLN B 59 16.05 20.06 16.48
C GLN B 59 17.28 19.99 15.59
N ARG B 60 17.68 21.12 14.98
CA ARG B 60 18.83 21.12 14.09
C ARG B 60 20.07 20.57 14.79
N ASN B 61 20.35 21.08 16.00
CA ASN B 61 21.57 20.68 16.70
C ASN B 61 21.55 19.20 17.06
N PHE B 62 20.45 18.73 17.67
CA PHE B 62 20.37 17.36 18.14
C PHE B 62 20.45 16.33 17.03
N SER B 63 20.28 16.73 15.76
CA SER B 63 20.23 15.79 14.66
C SER B 63 21.47 15.77 13.79
N LEU B 64 22.34 16.78 13.90
CA LEU B 64 23.54 16.87 13.08
C LEU B 64 24.81 16.78 13.90
N SER B 65 25.04 17.72 14.82
CA SER B 65 26.22 17.68 15.68
C SER B 65 25.89 18.37 16.99
N VAL B 66 26.24 17.73 18.09
CA VAL B 66 26.00 18.27 19.43
C VAL B 66 27.28 18.73 20.11
N ASN B 67 28.44 18.40 19.56
CA ASN B 67 29.70 18.67 20.24
C ASN B 67 30.00 20.16 20.25
N SER B 68 30.74 20.58 21.27
CA SER B 68 31.13 21.98 21.39
C SER B 68 32.24 22.31 20.40
N VAL B 69 32.35 23.60 20.09
CA VAL B 69 33.48 24.08 19.30
C VAL B 69 34.79 23.64 19.94
N ALA B 70 34.87 23.77 21.27
CA ALA B 70 36.13 23.51 21.97
C ALA B 70 36.65 22.10 21.69
N VAL B 71 35.77 21.11 21.81
CA VAL B 71 36.21 19.73 21.59
C VAL B 71 36.52 19.49 20.12
N LEU B 72 35.71 20.06 19.22
CA LEU B 72 35.96 19.89 17.80
C LEU B 72 37.32 20.45 17.39
N ARG B 73 37.87 21.40 18.14
CA ARG B 73 39.18 21.97 17.85
C ARG B 73 40.33 21.03 18.21
N LEU B 74 40.07 19.98 18.99
CA LEU B 74 41.09 19.04 19.43
C LEU B 74 41.20 17.82 18.53
N MET B 75 40.60 17.85 17.36
CA MET B 75 40.64 16.71 16.44
C MET B 75 41.70 16.93 15.36
N ALA C 7 12.19 -18.91 33.08
CA ALA C 7 13.46 -18.19 32.96
C ALA C 7 13.29 -16.94 32.09
N GLU C 8 12.38 -17.04 31.12
CA GLU C 8 12.12 -15.95 30.19
C GLU C 8 11.28 -14.86 30.87
N HIS C 9 11.36 -13.65 30.30
CA HIS C 9 10.70 -12.50 30.90
C HIS C 9 9.34 -12.29 30.24
N PRO C 10 8.24 -12.56 30.94
CA PRO C 10 6.92 -12.52 30.28
C PRO C 10 6.56 -11.12 29.80
N LEU C 11 5.55 -11.08 28.93
CA LEU C 11 4.94 -9.83 28.47
C LEU C 11 3.60 -9.61 29.13
N GLN C 12 3.24 -8.34 29.31
CA GLN C 12 1.95 -8.00 29.88
C GLN C 12 0.82 -8.69 29.12
N TYR C 13 0.96 -8.80 27.80
CA TYR C 13 -0.01 -9.48 26.95
C TYR C 13 0.73 -10.39 25.99
N ASN C 14 0.04 -11.40 25.49
CA ASN C 14 0.54 -12.15 24.34
C ASN C 14 0.29 -11.34 23.08
N TYR C 15 1.26 -11.37 22.17
CA TYR C 15 1.16 -10.65 20.91
C TYR C 15 1.34 -11.61 19.75
N THR C 16 0.80 -11.23 18.59
CA THR C 16 0.79 -12.06 17.41
C THR C 16 1.26 -11.26 16.21
N PHE C 17 2.24 -11.79 15.48
CA PHE C 17 2.67 -11.19 14.22
C PHE C 17 1.76 -11.64 13.09
N TRP C 18 1.42 -10.71 12.20
CA TRP C 18 0.67 -11.00 10.99
C TRP C 18 1.39 -10.42 9.79
N TYR C 19 1.21 -11.06 8.64
CA TYR C 19 1.80 -10.62 7.38
C TYR C 19 0.70 -10.57 6.32
N SER C 20 0.83 -9.60 5.42
CA SER C 20 -0.13 -9.46 4.33
C SER C 20 0.54 -8.75 3.16
N ARG C 21 0.20 -9.18 1.94
CA ARG C 21 0.76 -8.61 0.72
C ARG C 21 -0.33 -8.56 -0.33
N ARG C 22 -0.76 -7.34 -0.68
CA ARG C 22 -1.76 -7.16 -1.75
C ARG C 22 -1.03 -7.24 -3.08
N THR C 23 -0.92 -8.45 -3.61
CA THR C 23 -0.26 -8.68 -4.88
C THR C 23 -1.08 -8.03 -6.01
N PRO C 24 -0.58 -6.99 -6.67
CA PRO C 24 -1.33 -6.43 -7.79
C PRO C 24 -1.65 -7.50 -8.82
N GLY C 25 -2.84 -7.42 -9.39
CA GLY C 25 -3.32 -8.41 -10.33
C GLY C 25 -4.37 -9.32 -9.70
N ARG C 26 -4.94 -10.17 -10.55
CA ARG C 26 -5.98 -11.07 -10.11
C ARG C 26 -5.41 -12.04 -9.07
N PRO C 27 -6.05 -12.18 -7.91
CA PRO C 27 -5.58 -13.18 -6.94
C PRO C 27 -5.41 -14.55 -7.58
N THR C 28 -4.31 -15.21 -7.25
CA THR C 28 -3.95 -16.49 -7.84
C THR C 28 -4.97 -17.56 -7.50
N SER C 29 -4.74 -18.79 -7.98
CA SER C 29 -5.65 -19.90 -7.75
C SER C 29 -5.21 -20.78 -6.58
N SER C 30 -4.07 -20.50 -5.96
CA SER C 30 -3.60 -21.23 -4.79
C SER C 30 -3.85 -20.49 -3.48
N GLN C 31 -4.40 -19.27 -3.55
CA GLN C 31 -4.80 -18.52 -2.37
C GLN C 31 -6.33 -18.44 -2.25
N SER C 32 -7.01 -19.49 -2.71
CA SER C 32 -8.47 -19.54 -2.73
C SER C 32 -9.08 -18.39 -3.53
N TYR C 33 -8.29 -17.78 -4.42
CA TYR C 33 -8.74 -16.63 -5.22
C TYR C 33 -9.08 -15.44 -4.33
N GLU C 34 -8.43 -15.34 -3.18
CA GLU C 34 -8.66 -14.25 -2.24
C GLU C 34 -7.32 -13.80 -1.65
N GLN C 35 -7.30 -12.57 -1.16
CA GLN C 35 -6.15 -12.02 -0.45
C GLN C 35 -6.51 -11.86 1.02
N ASN C 36 -5.68 -12.40 1.91
CA ASN C 36 -6.00 -12.43 3.33
C ASN C 36 -4.75 -12.16 4.16
N ILE C 37 -4.98 -11.89 5.44
CA ILE C 37 -3.92 -11.58 6.40
C ILE C 37 -3.67 -12.85 7.21
N LYS C 38 -2.76 -13.68 6.73
CA LYS C 38 -2.41 -14.89 7.47
C LYS C 38 -1.41 -14.57 8.58
N GLN C 39 -1.66 -15.11 9.77
CA GLN C 39 -0.81 -14.87 10.92
C GLN C 39 0.39 -15.79 10.93
N ILE C 40 1.50 -15.28 11.46
CA ILE C 40 2.76 -16.00 11.54
C ILE C 40 2.79 -16.83 12.81
N GLY C 41 2.91 -16.16 13.95
CA GLY C 41 2.98 -16.86 15.21
C GLY C 41 2.66 -15.94 16.37
N THR C 42 2.66 -16.52 17.57
CA THR C 42 2.35 -15.82 18.80
C THR C 42 3.48 -16.03 19.79
N PHE C 43 3.71 -15.03 20.64
CA PHE C 43 4.77 -15.09 21.63
C PHE C 43 4.30 -14.44 22.92
N ALA C 44 4.90 -14.88 24.03
CA ALA C 44 4.47 -14.45 25.37
C ALA C 44 5.59 -13.83 26.18
N SER C 45 6.82 -13.79 25.67
CA SER C 45 7.95 -13.25 26.41
C SER C 45 8.79 -12.38 25.51
N VAL C 46 9.72 -11.65 26.13
CA VAL C 46 10.65 -10.83 25.37
C VAL C 46 11.60 -11.70 24.56
N GLU C 47 11.97 -12.86 25.10
CA GLU C 47 12.87 -13.76 24.37
C GLU C 47 12.17 -14.39 23.17
N GLN C 48 10.92 -14.84 23.35
CA GLN C 48 10.17 -15.38 22.21
C GLN C 48 9.97 -14.33 21.13
N PHE C 49 9.93 -13.04 21.52
CA PHE C 49 9.79 -11.98 20.54
C PHE C 49 11.03 -11.87 19.66
N TRP C 50 12.22 -11.84 20.28
CA TRP C 50 13.44 -11.71 19.49
C TRP C 50 13.64 -12.91 18.57
N ARG C 51 13.17 -14.09 18.98
CA ARG C 51 13.29 -15.26 18.13
C ARG C 51 12.53 -15.06 16.82
N PHE C 52 11.36 -14.41 16.89
CA PHE C 52 10.61 -14.10 15.68
C PHE C 52 11.24 -12.93 14.93
N TYR C 53 11.38 -11.78 15.60
CA TYR C 53 11.77 -10.55 14.91
C TYR C 53 13.16 -10.67 14.29
N SER C 54 14.09 -11.34 14.98
CA SER C 54 15.44 -11.47 14.45
C SER C 54 15.47 -12.30 13.17
N HIS C 55 14.46 -13.14 12.94
CA HIS C 55 14.38 -13.98 11.75
C HIS C 55 13.30 -13.50 10.80
N MET C 56 12.98 -12.21 10.84
CA MET C 56 12.04 -11.60 9.92
C MET C 56 12.74 -10.49 9.14
N VAL C 57 12.51 -10.47 7.83
CA VAL C 57 13.09 -9.43 7.00
C VAL C 57 12.61 -8.07 7.48
N ARG C 58 13.52 -7.11 7.51
CA ARG C 58 13.13 -5.75 7.87
C ARG C 58 12.05 -5.27 6.92
N PRO C 59 11.04 -4.55 7.40
CA PRO C 59 9.98 -4.09 6.48
C PRO C 59 10.51 -3.25 5.34
N GLY C 60 11.56 -2.46 5.58
CA GLY C 60 12.14 -1.65 4.52
C GLY C 60 12.66 -2.45 3.34
N ASP C 61 12.96 -3.73 3.54
CA ASP C 61 13.47 -4.58 2.48
C ASP C 61 12.37 -5.36 1.77
N LEU C 62 11.13 -5.24 2.22
CA LEU C 62 10.03 -5.94 1.57
C LEU C 62 9.69 -5.27 0.25
N THR C 63 9.36 -6.09 -0.74
CA THR C 63 9.08 -5.62 -2.08
C THR C 63 7.58 -5.44 -2.28
N GLY C 64 7.21 -4.40 -3.01
CA GLY C 64 5.82 -4.15 -3.35
C GLY C 64 4.96 -3.57 -2.25
N HIS C 65 3.77 -4.16 -2.09
CA HIS C 65 2.71 -3.64 -1.25
C HIS C 65 2.49 -4.63 -0.11
N SER C 66 3.19 -4.41 1.01
CA SER C 66 3.24 -5.41 2.08
C SER C 66 3.08 -4.72 3.44
N ASP C 67 2.67 -5.52 4.42
CA ASP C 67 2.43 -5.03 5.77
C ASP C 67 2.84 -6.06 6.81
N PHE C 68 3.45 -5.59 7.90
CA PHE C 68 3.57 -6.36 9.13
C PHE C 68 2.57 -5.81 10.14
N HIS C 69 1.83 -6.70 10.80
CA HIS C 69 0.91 -6.32 11.85
C HIS C 69 1.31 -7.01 13.14
N LEU C 70 1.32 -6.25 14.24
CA LEU C 70 1.65 -6.77 15.56
C LEU C 70 0.50 -6.41 16.49
N PHE C 71 -0.39 -7.37 16.72
CA PHE C 71 -1.57 -7.17 17.54
C PHE C 71 -1.60 -8.17 18.68
N LYS C 72 -2.26 -7.79 19.77
CA LYS C 72 -2.44 -8.70 20.89
C LYS C 72 -3.10 -9.99 20.41
N GLU C 73 -2.72 -11.10 21.05
CA GLU C 73 -3.39 -12.36 20.76
C GLU C 73 -4.88 -12.25 21.08
N GLY C 74 -5.70 -12.61 20.11
CA GLY C 74 -7.14 -12.53 20.24
C GLY C 74 -7.79 -11.39 19.46
N ILE C 75 -7.00 -10.41 19.02
CA ILE C 75 -7.51 -9.28 18.27
C ILE C 75 -7.05 -9.44 16.82
N LYS C 76 -8.01 -9.35 15.89
CA LYS C 76 -7.68 -9.43 14.47
C LYS C 76 -7.34 -8.04 13.93
N PRO C 77 -6.28 -7.90 13.12
CA PRO C 77 -5.95 -6.56 12.58
C PRO C 77 -6.98 -6.03 11.60
N MET C 78 -8.25 -5.97 12.01
CA MET C 78 -9.33 -5.60 11.12
C MET C 78 -10.35 -4.76 11.85
N TRP C 79 -10.94 -3.78 11.14
CA TRP C 79 -11.97 -2.93 11.73
C TRP C 79 -13.04 -3.76 12.44
N GLU C 80 -13.50 -4.82 11.79
CA GLU C 80 -14.67 -5.56 12.28
C GLU C 80 -14.46 -6.19 13.66
N ASP C 81 -13.22 -6.40 14.08
CA ASP C 81 -12.98 -7.06 15.36
C ASP C 81 -13.70 -6.31 16.48
N ASP C 82 -14.14 -7.06 17.49
CA ASP C 82 -14.90 -6.47 18.59
C ASP C 82 -14.08 -5.47 19.36
N ALA C 83 -12.77 -5.68 19.45
CA ALA C 83 -11.90 -4.76 20.17
C ALA C 83 -11.55 -3.52 19.36
N ASN C 84 -11.88 -3.49 18.07
CA ASN C 84 -11.52 -2.37 17.20
C ASN C 84 -12.71 -1.59 16.66
N LYS C 85 -13.93 -2.13 16.77
CA LYS C 85 -15.08 -1.51 16.10
C LYS C 85 -15.16 -0.02 16.40
N ASN C 86 -15.03 0.36 17.67
CA ASN C 86 -15.13 1.75 18.07
C ASN C 86 -13.77 2.41 18.22
N GLY C 87 -12.72 1.81 17.66
CA GLY C 87 -11.37 2.31 17.83
C GLY C 87 -10.90 3.14 16.63
N GLY C 88 -9.61 3.45 16.67
CA GLY C 88 -8.98 4.25 15.63
C GLY C 88 -7.49 4.02 15.70
N LYS C 89 -6.78 4.73 14.84
CA LYS C 89 -5.34 4.55 14.73
C LYS C 89 -4.66 5.88 14.43
N TRP C 90 -3.55 6.13 15.11
CA TRP C 90 -2.65 7.20 14.71
C TRP C 90 -1.86 6.74 13.51
N ILE C 91 -1.66 7.66 12.56
CA ILE C 91 -1.09 7.34 11.27
C ILE C 91 0.02 8.33 11.00
N ILE C 92 1.20 7.83 10.67
CA ILE C 92 2.33 8.64 10.26
C ILE C 92 2.80 8.15 8.91
N ARG C 93 2.86 9.05 7.93
CA ARG C 93 3.26 8.72 6.58
C ARG C 93 4.72 9.15 6.41
N LEU C 94 5.59 8.16 6.25
CA LEU C 94 7.03 8.36 6.31
C LEU C 94 7.64 8.30 4.92
N ARG C 95 8.65 9.13 4.71
CA ARG C 95 9.50 9.00 3.53
C ARG C 95 10.19 7.65 3.56
N LYS C 96 10.51 7.14 2.38
CA LYS C 96 11.15 5.84 2.27
C LYS C 96 12.49 5.84 3.00
N GLY C 97 12.79 4.72 3.66
CA GLY C 97 14.05 4.52 4.32
C GLY C 97 14.05 4.68 5.82
N LEU C 98 12.89 4.89 6.44
CA LEU C 98 12.79 5.09 7.88
C LEU C 98 11.88 4.10 8.57
N ALA C 99 11.02 3.38 7.84
CA ALA C 99 10.03 2.53 8.47
C ALA C 99 10.66 1.47 9.36
N SER C 100 11.81 0.92 8.93
CA SER C 100 12.38 -0.21 9.66
C SER C 100 12.76 0.16 11.08
N ARG C 101 13.41 1.31 11.27
CA ARG C 101 13.83 1.71 12.60
C ARG C 101 12.63 2.15 13.44
N CYS C 102 11.71 2.92 12.85
CA CYS C 102 10.51 3.31 13.57
C CYS C 102 9.72 2.09 14.00
N TRP C 103 9.52 1.14 13.09
CA TRP C 103 8.77 -0.07 13.43
C TRP C 103 9.37 -0.77 14.64
N GLU C 104 10.70 -0.82 14.72
CA GLU C 104 11.34 -1.47 15.86
C GLU C 104 11.10 -0.69 17.14
N ASN C 105 11.37 0.62 17.12
CA ASN C 105 11.14 1.44 18.30
C ASN C 105 9.69 1.37 18.74
N LEU C 106 8.76 1.42 17.78
CA LEU C 106 7.34 1.42 18.12
C LEU C 106 6.96 0.13 18.85
N ILE C 107 7.40 -1.02 18.33
CA ILE C 107 6.98 -2.28 18.96
C ILE C 107 7.73 -2.52 20.25
N LEU C 108 9.00 -2.07 20.35
CA LEU C 108 9.70 -2.21 21.63
C LEU C 108 8.97 -1.45 22.72
N ALA C 109 8.45 -0.27 22.41
CA ALA C 109 7.66 0.48 23.38
C ALA C 109 6.33 -0.22 23.65
N MET C 110 5.64 -0.66 22.59
CA MET C 110 4.34 -1.29 22.77
C MET C 110 4.46 -2.58 23.57
N LEU C 111 5.36 -3.47 23.15
CA LEU C 111 5.54 -4.73 23.87
C LEU C 111 6.02 -4.50 25.30
N GLY C 112 6.83 -3.47 25.52
CA GLY C 112 7.29 -3.13 26.84
C GLY C 112 6.30 -2.39 27.71
N GLU C 113 5.07 -2.18 27.24
CA GLU C 113 4.04 -1.47 28.00
C GLU C 113 4.52 -0.07 28.40
N GLN C 114 5.00 0.67 27.40
CA GLN C 114 5.51 2.02 27.61
C GLN C 114 4.53 3.11 27.21
N PHE C 115 3.29 2.74 26.85
CA PHE C 115 2.33 3.72 26.38
C PHE C 115 1.44 4.28 27.48
N MET C 116 1.15 3.51 28.54
CA MET C 116 0.52 4.06 29.73
C MET C 116 -0.91 4.49 29.46
N VAL C 117 -1.71 3.57 28.91
CA VAL C 117 -3.12 3.85 28.63
C VAL C 117 -3.95 2.64 29.00
N GLY C 118 -3.50 1.88 30.00
CA GLY C 118 -4.26 0.72 30.41
C GLY C 118 -4.31 -0.32 29.32
N GLU C 119 -5.50 -0.83 29.03
CA GLU C 119 -5.71 -1.87 28.03
C GLU C 119 -6.17 -1.30 26.69
N GLU C 120 -5.90 -0.01 26.44
CA GLU C 120 -6.43 0.65 25.26
C GLU C 120 -5.68 0.32 23.98
N ILE C 121 -4.42 -0.12 24.05
CA ILE C 121 -3.69 -0.46 22.84
C ILE C 121 -4.21 -1.78 22.28
N CYS C 122 -4.30 -1.85 20.96
CA CYS C 122 -4.72 -3.05 20.25
C CYS C 122 -3.61 -3.70 19.45
N GLY C 123 -2.82 -2.90 18.74
CA GLY C 123 -1.73 -3.42 17.93
C GLY C 123 -1.11 -2.31 17.11
N ALA C 124 -0.07 -2.69 16.36
CA ALA C 124 0.66 -1.77 15.52
C ALA C 124 0.83 -2.35 14.12
N VAL C 125 0.97 -1.47 13.14
CA VAL C 125 1.07 -1.85 11.73
C VAL C 125 2.14 -1.01 11.07
N VAL C 126 2.90 -1.63 10.16
CA VAL C 126 3.80 -0.94 9.26
C VAL C 126 3.41 -1.32 7.83
N SER C 127 3.27 -0.33 6.96
CA SER C 127 2.76 -0.53 5.61
C SER C 127 3.78 -0.02 4.61
N VAL C 128 4.34 -0.93 3.81
CA VAL C 128 5.30 -0.60 2.76
C VAL C 128 4.54 -0.27 1.49
N ARG C 129 4.80 0.91 0.93
CA ARG C 129 4.11 1.34 -0.29
C ARG C 129 5.12 1.87 -1.30
N PHE C 130 4.65 2.47 -2.38
CA PHE C 130 5.54 2.82 -3.48
C PHE C 130 6.54 3.89 -3.07
N GLN C 131 6.07 5.12 -2.82
CA GLN C 131 6.94 6.24 -2.50
C GLN C 131 6.77 6.69 -1.04
N GLU C 132 6.25 5.82 -0.18
CA GLU C 132 6.11 6.16 1.22
C GLU C 132 5.89 4.88 2.01
N ASP C 133 6.08 4.99 3.32
CA ASP C 133 5.73 3.92 4.26
C ASP C 133 4.85 4.52 5.34
N ILE C 134 3.95 3.70 5.87
CA ILE C 134 3.02 4.13 6.90
C ILE C 134 3.19 3.21 8.10
N ILE C 135 3.38 3.81 9.28
CA ILE C 135 3.29 3.08 10.55
C ILE C 135 2.10 3.64 11.29
N SER C 136 1.35 2.76 11.95
CA SER C 136 0.18 3.16 12.70
C SER C 136 0.09 2.33 13.96
N ILE C 137 -0.61 2.86 14.95
CA ILE C 137 -0.87 2.14 16.19
C ILE C 137 -2.35 2.31 16.50
N TRP C 138 -3.02 1.19 16.75
CA TRP C 138 -4.47 1.18 16.93
C TRP C 138 -4.79 1.19 18.42
N ASN C 139 -5.88 1.86 18.78
CA ASN C 139 -6.36 1.85 20.15
C ASN C 139 -7.84 1.53 20.15
N LYS C 140 -8.37 1.32 21.35
CA LYS C 140 -9.64 0.62 21.51
C LYS C 140 -10.84 1.53 21.33
N THR C 141 -10.79 2.74 21.89
CA THR C 141 -11.90 3.68 21.79
C THR C 141 -11.37 5.01 21.27
N ALA C 142 -11.86 5.41 20.09
CA ALA C 142 -11.35 6.60 19.43
C ALA C 142 -11.84 7.90 20.05
N SER C 143 -12.97 7.89 20.74
CA SER C 143 -13.51 9.10 21.34
C SER C 143 -12.79 9.50 22.62
N ASP C 144 -11.93 8.63 23.15
CA ASP C 144 -11.16 8.94 24.36
C ASP C 144 -9.97 9.80 23.96
N GLN C 145 -10.22 11.10 23.81
CA GLN C 145 -9.16 12.00 23.39
C GLN C 145 -8.02 12.02 24.40
N ALA C 146 -8.36 11.91 25.70
CA ALA C 146 -7.32 11.77 26.70
C ALA C 146 -6.37 10.63 26.33
N THR C 147 -6.93 9.51 25.87
CA THR C 147 -6.09 8.36 25.52
C THR C 147 -5.34 8.62 24.22
N THR C 148 -6.04 9.13 23.19
CA THR C 148 -5.39 9.34 21.90
C THR C 148 -4.29 10.38 21.99
N ALA C 149 -4.48 11.42 22.80
CA ALA C 149 -3.41 12.39 22.99
C ALA C 149 -2.21 11.75 23.70
N ARG C 150 -2.48 10.89 24.68
CA ARG C 150 -1.38 10.24 25.39
C ARG C 150 -0.60 9.32 24.46
N ILE C 151 -1.30 8.59 23.59
CA ILE C 151 -0.63 7.80 22.57
C ILE C 151 0.14 8.72 21.63
N ARG C 152 -0.47 9.86 21.28
CA ARG C 152 0.19 10.83 20.40
C ARG C 152 1.52 11.27 20.99
N ASP C 153 1.51 11.77 22.22
CA ASP C 153 2.74 12.29 22.82
C ASP C 153 3.78 11.19 23.00
N THR C 154 3.34 9.97 23.32
CA THR C 154 4.29 8.87 23.43
C THR C 154 4.89 8.53 22.08
N LEU C 155 4.09 8.57 21.02
CA LEU C 155 4.60 8.30 19.68
C LEU C 155 5.71 9.27 19.31
N ARG C 156 5.53 10.55 19.63
CA ARG C 156 6.55 11.55 19.29
C ARG C 156 7.86 11.29 20.02
N ARG C 157 7.79 10.76 21.26
CA ARG C 157 9.00 10.61 22.05
C ARG C 157 9.75 9.31 21.73
N VAL C 158 9.02 8.21 21.58
CA VAL C 158 9.71 6.94 21.33
C VAL C 158 10.27 6.90 19.91
N LEU C 159 9.65 7.62 18.98
CA LEU C 159 10.11 7.68 17.61
C LEU C 159 10.97 8.90 17.31
N ASN C 160 11.21 9.76 18.30
CA ASN C 160 12.01 10.97 18.11
C ASN C 160 11.54 11.77 16.91
N LEU C 161 10.22 11.90 16.79
CA LEU C 161 9.65 12.69 15.70
C LEU C 161 10.05 14.15 15.84
N PRO C 162 10.41 14.83 14.75
CA PRO C 162 10.66 16.27 14.82
C PRO C 162 9.40 17.03 15.21
N PRO C 163 9.53 18.27 15.67
CA PRO C 163 8.34 19.01 16.12
C PRO C 163 7.32 19.26 15.02
N ASN C 164 7.75 19.52 13.79
CA ASN C 164 6.84 19.84 12.70
C ASN C 164 6.21 18.62 12.06
N THR C 165 6.47 17.42 12.58
CA THR C 165 6.02 16.21 11.93
C THR C 165 4.50 16.17 11.84
N ILE C 166 4.01 15.56 10.75
CA ILE C 166 2.58 15.43 10.51
C ILE C 166 2.09 14.10 11.04
N MET C 167 0.99 14.14 11.77
CA MET C 167 0.31 12.93 12.23
C MET C 167 -1.16 13.13 12.00
N GLU C 168 -1.88 12.02 11.84
CA GLU C 168 -3.31 12.08 11.61
C GLU C 168 -3.95 10.94 12.39
N TYR C 169 -4.99 11.24 13.17
CA TYR C 169 -5.79 10.21 13.81
C TYR C 169 -7.07 10.04 13.02
N LYS C 170 -7.29 8.83 12.52
CA LYS C 170 -8.49 8.48 11.78
C LYS C 170 -9.28 7.43 12.57
N THR C 171 -10.60 7.60 12.60
CA THR C 171 -11.48 6.57 13.10
C THR C 171 -11.66 5.53 12.01
N HIS C 172 -11.64 4.25 12.40
CA HIS C 172 -11.59 3.18 11.40
C HIS C 172 -12.71 3.31 10.38
N THR C 173 -13.92 3.68 10.83
CA THR C 173 -15.03 3.82 9.89
C THR C 173 -14.69 4.84 8.80
N ASP C 174 -13.97 5.89 9.14
CA ASP C 174 -13.58 6.91 8.18
C ASP C 174 -12.37 6.46 7.36
N PRO D 2 4.58 8.31 51.30
CA PRO D 2 5.54 7.69 52.22
C PRO D 2 5.59 6.18 52.07
N HIS D 3 4.43 5.57 51.84
CA HIS D 3 4.35 4.13 51.63
C HIS D 3 4.85 3.79 50.23
N MET D 4 5.93 3.01 50.16
CA MET D 4 6.55 2.63 48.90
C MET D 4 6.22 1.18 48.58
N LYS D 5 5.81 0.92 47.34
CA LYS D 5 5.54 -0.45 46.91
C LYS D 5 6.76 -1.33 47.14
N TYR D 6 6.51 -2.58 47.51
CA TYR D 6 7.57 -3.59 47.54
C TYR D 6 7.65 -4.34 46.22
N LYS D 7 6.51 -4.78 45.70
CA LYS D 7 6.44 -5.60 44.50
C LYS D 7 5.68 -4.84 43.42
N LEU D 8 6.38 -4.48 42.35
CA LEU D 8 5.72 -3.95 41.17
C LEU D 8 4.87 -5.04 40.53
N ALA D 9 3.68 -4.67 40.06
CA ALA D 9 2.72 -5.64 39.57
C ALA D 9 2.84 -5.85 38.06
N ASP D 10 2.90 -4.76 37.29
CA ASP D 10 2.87 -4.84 35.85
C ASP D 10 4.20 -5.35 35.29
N TYR D 11 4.13 -5.88 34.07
CA TYR D 11 5.32 -6.30 33.32
C TYR D 11 5.65 -5.19 32.34
N ARG D 12 6.70 -4.43 32.65
CA ARG D 12 7.11 -3.29 31.83
C ARG D 12 8.60 -3.37 31.56
N TYR D 13 8.99 -2.93 30.36
CA TYR D 13 10.38 -2.97 29.92
C TYR D 13 10.70 -1.70 29.16
N GLY D 14 11.74 -0.99 29.59
CA GLY D 14 12.29 0.08 28.80
C GLY D 14 13.01 -0.44 27.58
N ARG D 15 13.35 0.48 26.68
CA ARG D 15 14.02 0.09 25.45
C ARG D 15 15.33 -0.65 25.74
N GLU D 16 16.08 -0.18 26.74
CA GLU D 16 17.35 -0.84 27.06
C GLU D 16 17.13 -2.24 27.59
N GLU D 17 16.09 -2.45 28.38
CA GLU D 17 15.80 -3.78 28.91
C GLU D 17 15.53 -4.76 27.77
N MET D 18 14.68 -4.36 26.83
CA MET D 18 14.39 -5.22 25.68
C MET D 18 15.66 -5.61 24.95
N LEU D 19 16.56 -4.65 24.74
CA LEU D 19 17.79 -4.94 24.01
C LEU D 19 18.72 -5.83 24.82
N ALA D 20 18.74 -5.65 26.15
CA ALA D 20 19.61 -6.47 26.98
C ALA D 20 19.19 -7.93 26.97
N LEU D 21 17.92 -8.21 26.69
CA LEU D 21 17.42 -9.58 26.69
C LEU D 21 17.56 -10.27 25.34
N TYR D 22 17.98 -9.54 24.31
CA TYR D 22 18.19 -10.18 23.01
C TYR D 22 19.38 -11.13 23.09
N VAL D 23 19.25 -12.25 22.38
CA VAL D 23 20.32 -13.24 22.26
C VAL D 23 20.27 -13.82 20.86
N LYS D 24 21.39 -13.78 20.15
CA LYS D 24 21.47 -14.38 18.84
C LYS D 24 21.10 -15.86 18.92
N GLU D 25 20.35 -16.32 17.92
CA GLU D 25 19.93 -17.74 17.88
C GLU D 25 19.79 -18.13 16.41
N ASN D 26 20.76 -18.88 15.90
CA ASN D 26 20.70 -19.33 14.52
C ASN D 26 19.45 -20.14 14.23
N LYS D 27 18.79 -20.65 15.26
CA LYS D 27 17.58 -21.43 15.09
C LYS D 27 16.46 -20.56 14.53
N VAL D 28 15.50 -21.22 13.87
CA VAL D 28 14.37 -20.53 13.24
C VAL D 28 13.08 -21.17 13.74
N PRO D 29 12.11 -20.40 14.24
CA PRO D 29 10.87 -21.01 14.70
C PRO D 29 10.16 -21.77 13.60
N GLU D 30 9.51 -22.87 13.98
CA GLU D 30 8.79 -23.68 13.01
C GLU D 30 7.86 -22.83 12.15
N GLU D 31 7.21 -21.84 12.75
CA GLU D 31 6.25 -21.02 12.02
C GLU D 31 6.86 -20.40 10.77
N LEU D 32 7.90 -19.58 10.94
CA LEU D 32 8.44 -18.80 9.83
C LEU D 32 8.96 -19.65 8.69
N GLN D 33 9.27 -20.93 8.94
CA GLN D 33 9.80 -21.79 7.87
C GLN D 33 8.74 -22.13 6.83
N ASP D 34 7.46 -21.88 7.10
CA ASP D 34 6.41 -22.18 6.14
C ASP D 34 6.66 -21.43 4.83
N LYS D 35 6.11 -21.98 3.74
CA LYS D 35 6.35 -21.43 2.42
C LYS D 35 5.56 -20.15 2.16
N GLU D 36 4.48 -19.90 2.90
CA GLU D 36 3.76 -18.64 2.74
C GLU D 36 4.63 -17.45 3.11
N PHE D 37 5.52 -17.62 4.09
CA PHE D 37 6.43 -16.56 4.53
C PHE D 37 7.83 -16.76 3.96
N ALA D 38 7.92 -17.10 2.67
CA ALA D 38 9.22 -17.39 2.08
C ALA D 38 10.06 -16.13 1.92
N ALA D 39 9.42 -15.02 1.53
CA ALA D 39 10.13 -13.76 1.41
C ALA D 39 10.33 -13.07 2.75
N VAL D 40 9.55 -13.43 3.76
CA VAL D 40 9.70 -12.83 5.08
C VAL D 40 10.78 -13.52 5.89
N LEU D 41 11.00 -14.82 5.64
CA LEU D 41 11.96 -15.57 6.44
C LEU D 41 13.38 -15.04 6.22
N GLN D 42 14.05 -14.75 7.33
CA GLN D 42 15.45 -14.35 7.33
C GLN D 42 16.24 -15.47 8.01
N ASP D 43 17.08 -16.16 7.26
CA ASP D 43 17.78 -17.33 7.79
C ASP D 43 18.74 -16.93 8.90
N GLU D 44 19.86 -16.31 8.55
CA GLU D 44 20.82 -15.90 9.57
C GLU D 44 20.18 -14.80 10.43
N PRO D 45 20.26 -14.90 11.76
CA PRO D 45 19.56 -13.93 12.60
C PRO D 45 20.20 -12.55 12.55
N LEU D 46 19.36 -11.52 12.60
CA LEU D 46 19.79 -10.14 12.58
C LEU D 46 19.71 -9.55 13.97
N GLN D 47 20.76 -8.83 14.36
CA GLN D 47 20.71 -8.11 15.61
C GLN D 47 19.72 -6.94 15.49
N PRO D 48 19.20 -6.46 16.61
CA PRO D 48 18.23 -5.36 16.54
C PRO D 48 18.86 -4.10 15.96
N LEU D 49 18.08 -3.40 15.13
CA LEU D 49 18.59 -2.20 14.46
C LEU D 49 19.04 -1.14 15.45
N ALA D 50 18.49 -1.15 16.66
CA ALA D 50 18.87 -0.15 17.66
C ALA D 50 20.37 -0.17 17.96
N LEU D 51 21.04 -1.30 17.72
CA LEU D 51 22.46 -1.42 18.02
C LEU D 51 23.34 -1.01 16.86
N GLU D 52 22.80 -0.93 15.65
CA GLU D 52 23.60 -0.56 14.48
C GLU D 52 23.48 0.94 14.24
N PRO D 53 24.58 1.69 14.21
CA PRO D 53 24.48 3.12 13.85
C PRO D 53 23.97 3.31 12.42
N LEU D 54 23.88 4.55 11.97
CA LEU D 54 23.33 4.83 10.64
C LEU D 54 24.37 4.59 9.55
N THR D 55 23.89 4.14 8.40
CA THR D 55 24.75 3.94 7.24
C THR D 55 24.91 5.25 6.47
N GLU D 56 26.02 5.37 5.75
CA GLU D 56 26.26 6.56 4.95
C GLU D 56 25.04 6.93 4.11
N GLU D 57 24.52 5.95 3.34
CA GLU D 57 23.33 6.21 2.54
C GLU D 57 22.12 6.53 3.40
N GLU D 58 22.13 6.10 4.66
CA GLU D 58 21.03 6.41 5.56
C GLU D 58 21.21 7.78 6.20
N GLN D 59 22.44 8.16 6.53
CA GLN D 59 22.69 9.45 7.15
C GLN D 59 22.25 10.61 6.26
N ARG D 60 22.12 10.39 4.95
CA ARG D 60 21.67 11.46 4.06
C ARG D 60 20.17 11.67 4.18
N ASN D 61 19.38 10.60 4.10
CA ASN D 61 17.94 10.73 3.93
C ASN D 61 17.25 11.25 5.19
N PHE D 62 17.64 10.74 6.36
CA PHE D 62 16.86 10.98 7.57
C PHE D 62 16.81 12.46 7.94
N SER D 63 17.88 13.21 7.69
CA SER D 63 18.07 14.49 8.37
C SER D 63 16.89 15.43 8.18
N LEU D 64 16.49 15.68 6.92
CA LEU D 64 15.60 16.80 6.64
C LEU D 64 14.26 16.70 7.37
N SER D 65 13.43 15.74 7.00
CA SER D 65 12.09 15.63 7.57
C SER D 65 11.59 14.20 7.40
N VAL D 66 10.85 13.71 8.39
CA VAL D 66 10.38 12.33 8.37
C VAL D 66 9.23 12.15 7.39
N ASN D 67 8.36 13.15 7.24
CA ASN D 67 7.17 12.99 6.42
C ASN D 67 7.53 12.79 4.96
N SER D 68 6.75 11.95 4.27
CA SER D 68 6.98 11.68 2.86
C SER D 68 6.48 12.84 2.00
N VAL D 69 6.88 12.82 0.73
CA VAL D 69 6.46 13.87 -0.19
C VAL D 69 4.97 13.81 -0.42
N ALA D 70 4.36 12.62 -0.31
CA ALA D 70 2.94 12.47 -0.61
C ALA D 70 2.09 13.25 0.38
N VAL D 71 2.31 13.04 1.68
CA VAL D 71 1.51 13.74 2.68
C VAL D 71 1.82 15.22 2.68
N LEU D 72 3.08 15.59 2.41
CA LEU D 72 3.43 17.01 2.37
C LEU D 72 2.68 17.74 1.26
N ARG D 73 2.35 17.04 0.17
CA ARG D 73 1.63 17.65 -0.93
C ARG D 73 0.16 17.90 -0.61
N LEU D 74 -0.34 17.45 0.55
CA LEU D 74 -1.74 17.64 0.89
C LEU D 74 -2.01 18.90 1.70
N MET D 75 -0.99 19.45 2.36
CA MET D 75 -1.18 20.63 3.19
C MET D 75 -1.43 21.86 2.33
N ALA E 7 -12.53 -21.11 -3.48
CA ALA E 7 -12.77 -21.94 -4.66
C ALA E 7 -13.30 -21.08 -5.80
N GLU E 8 -14.18 -20.15 -5.48
CA GLU E 8 -14.79 -19.26 -6.46
C GLU E 8 -14.04 -17.94 -6.51
N HIS E 9 -14.42 -17.11 -7.48
CA HIS E 9 -13.74 -15.83 -7.72
C HIS E 9 -14.59 -14.70 -7.15
N PRO E 10 -14.17 -14.06 -6.05
CA PRO E 10 -15.02 -13.02 -5.44
C PRO E 10 -15.24 -11.83 -6.35
N LEU E 11 -16.34 -11.13 -6.10
CA LEU E 11 -16.62 -9.84 -6.71
C LEU E 11 -16.25 -8.73 -5.73
N GLN E 12 -16.11 -7.51 -6.27
CA GLN E 12 -15.75 -6.38 -5.42
C GLN E 12 -16.84 -6.10 -4.40
N TYR E 13 -18.10 -6.13 -4.83
CA TYR E 13 -19.24 -5.97 -3.94
C TYR E 13 -20.22 -7.10 -4.20
N ASN E 14 -21.14 -7.31 -3.26
CA ASN E 14 -22.26 -8.22 -3.45
C ASN E 14 -23.38 -7.49 -4.17
N TYR E 15 -23.93 -8.11 -5.20
CA TYR E 15 -25.01 -7.52 -5.97
C TYR E 15 -26.29 -8.34 -5.80
N THR E 16 -27.42 -7.65 -5.81
CA THR E 16 -28.73 -8.27 -5.62
C THR E 16 -29.59 -8.06 -6.87
N PHE E 17 -30.27 -9.13 -7.29
CA PHE E 17 -31.20 -9.06 -8.41
C PHE E 17 -32.59 -8.71 -7.90
N TRP E 18 -33.25 -7.77 -8.57
CA TRP E 18 -34.63 -7.40 -8.29
C TRP E 18 -35.44 -7.47 -9.56
N TYR E 19 -36.74 -7.71 -9.42
CA TYR E 19 -37.65 -7.82 -10.55
C TYR E 19 -38.92 -7.05 -10.26
N SER E 20 -39.56 -6.56 -11.32
CA SER E 20 -40.80 -5.80 -11.17
C SER E 20 -41.60 -5.89 -12.47
N ARG E 21 -42.90 -6.14 -12.33
CA ARG E 21 -43.84 -6.11 -13.44
C ARG E 21 -44.55 -4.75 -13.41
N ARG E 22 -44.35 -3.96 -14.47
CA ARG E 22 -44.95 -2.64 -14.52
C ARG E 22 -46.44 -2.76 -14.81
N THR E 23 -47.21 -1.82 -14.25
CA THR E 23 -48.66 -1.86 -14.35
C THR E 23 -49.11 -1.25 -15.69
N PRO E 24 -50.15 -1.80 -16.32
CA PRO E 24 -50.64 -1.21 -17.56
C PRO E 24 -51.51 0.02 -17.31
N GLY E 25 -51.54 0.90 -18.31
CA GLY E 25 -52.48 2.01 -18.31
C GLY E 25 -52.02 3.24 -17.57
N ARG E 26 -52.93 3.83 -16.80
CA ARG E 26 -52.64 5.10 -16.14
C ARG E 26 -51.51 4.93 -15.15
N PRO E 27 -50.64 5.92 -14.98
CA PRO E 27 -49.49 5.79 -14.09
C PRO E 27 -49.88 5.88 -12.62
N THR E 28 -49.02 5.33 -11.78
CA THR E 28 -49.19 5.33 -10.34
C THR E 28 -48.08 6.16 -9.69
N SER E 29 -48.25 6.42 -8.40
CA SER E 29 -47.22 7.14 -7.65
C SER E 29 -45.93 6.34 -7.63
N SER E 30 -44.80 7.06 -7.54
CA SER E 30 -43.50 6.38 -7.54
C SER E 30 -43.34 5.49 -6.31
N GLN E 31 -43.92 5.88 -5.18
CA GLN E 31 -43.92 5.00 -4.02
C GLN E 31 -44.63 3.69 -4.32
N SER E 32 -45.67 3.73 -5.16
CA SER E 32 -46.40 2.52 -5.52
C SER E 32 -45.62 1.66 -6.51
N TYR E 33 -44.80 2.27 -7.37
CA TYR E 33 -43.94 1.50 -8.26
C TYR E 33 -42.77 0.88 -7.50
N GLU E 34 -42.25 1.58 -6.50
CA GLU E 34 -41.13 1.04 -5.72
C GLU E 34 -41.54 -0.16 -4.88
N GLN E 35 -42.82 -0.24 -4.51
CA GLN E 35 -43.28 -1.38 -3.71
C GLN E 35 -43.33 -2.65 -4.56
N ASN E 36 -43.70 -2.53 -5.83
CA ASN E 36 -43.84 -3.69 -6.70
C ASN E 36 -42.51 -4.37 -6.99
N ILE E 37 -41.39 -3.75 -6.63
CA ILE E 37 -40.06 -4.29 -6.95
C ILE E 37 -39.71 -5.35 -5.92
N LYS E 38 -39.77 -6.62 -6.32
CA LYS E 38 -39.42 -7.74 -5.46
C LYS E 38 -37.99 -8.17 -5.73
N GLN E 39 -37.29 -8.57 -4.66
CA GLN E 39 -35.89 -8.98 -4.77
C GLN E 39 -35.79 -10.49 -4.90
N ILE E 40 -34.93 -10.94 -5.81
CA ILE E 40 -34.74 -12.36 -6.09
C ILE E 40 -33.70 -12.94 -5.12
N GLY E 41 -32.46 -12.46 -5.21
CA GLY E 41 -31.40 -13.03 -4.40
C GLY E 41 -30.10 -12.27 -4.56
N THR E 42 -29.13 -12.68 -3.74
CA THR E 42 -27.85 -11.98 -3.62
C THR E 42 -26.72 -12.98 -3.87
N PHE E 43 -25.73 -12.55 -4.66
CA PHE E 43 -24.59 -13.39 -5.00
C PHE E 43 -23.30 -12.62 -4.76
N ALA E 44 -22.23 -13.37 -4.50
CA ALA E 44 -20.96 -12.79 -4.07
C ALA E 44 -19.79 -13.12 -4.98
N SER E 45 -19.99 -13.92 -6.03
CA SER E 45 -18.88 -14.37 -6.86
C SER E 45 -19.32 -14.42 -8.32
N VAL E 46 -18.34 -14.45 -9.21
CA VAL E 46 -18.62 -14.62 -10.63
C VAL E 46 -19.40 -15.90 -10.85
N GLU E 47 -19.04 -16.97 -10.14
CA GLU E 47 -19.69 -18.26 -10.35
C GLU E 47 -21.13 -18.24 -9.84
N GLN E 48 -21.38 -17.58 -8.71
CA GLN E 48 -22.76 -17.42 -8.25
C GLN E 48 -23.56 -16.58 -9.22
N PHE E 49 -22.97 -15.51 -9.73
CA PHE E 49 -23.66 -14.66 -10.70
C PHE E 49 -24.20 -15.49 -11.86
N TRP E 50 -23.34 -16.33 -12.45
CA TRP E 50 -23.78 -17.12 -13.60
C TRP E 50 -24.92 -18.07 -13.24
N ARG E 51 -24.94 -18.57 -11.99
CA ARG E 51 -26.04 -19.43 -11.57
C ARG E 51 -27.37 -18.71 -11.66
N PHE E 52 -27.41 -17.44 -11.24
CA PHE E 52 -28.63 -16.66 -11.39
C PHE E 52 -28.88 -16.31 -12.84
N TYR E 53 -27.91 -15.66 -13.49
CA TYR E 53 -28.14 -15.11 -14.82
C TYR E 53 -28.47 -16.20 -15.83
N SER E 54 -27.81 -17.36 -15.73
CA SER E 54 -28.05 -18.42 -16.69
C SER E 54 -29.42 -19.07 -16.51
N HIS E 55 -30.13 -18.74 -15.43
CA HIS E 55 -31.48 -19.26 -15.20
C HIS E 55 -32.52 -18.16 -15.17
N MET E 56 -32.17 -16.95 -15.58
CA MET E 56 -33.13 -15.87 -15.78
C MET E 56 -33.40 -15.72 -17.27
N VAL E 57 -34.69 -15.58 -17.60
CA VAL E 57 -35.06 -15.27 -18.97
C VAL E 57 -34.35 -13.98 -19.39
N ARG E 58 -34.07 -13.86 -20.68
CA ARG E 58 -33.47 -12.61 -21.14
C ARG E 58 -34.55 -11.52 -21.18
N PRO E 59 -34.20 -10.29 -20.82
CA PRO E 59 -35.23 -9.22 -20.84
C PRO E 59 -35.98 -9.12 -22.16
N GLY E 60 -35.30 -9.38 -23.28
CA GLY E 60 -35.97 -9.30 -24.57
C GLY E 60 -37.09 -10.31 -24.74
N ASP E 61 -37.01 -11.44 -24.03
CA ASP E 61 -38.01 -12.48 -24.12
C ASP E 61 -39.12 -12.32 -23.08
N LEU E 62 -39.21 -11.16 -22.42
CA LEU E 62 -40.27 -10.90 -21.46
C LEU E 62 -41.43 -10.16 -22.12
N THR E 63 -42.56 -10.16 -21.43
CA THR E 63 -43.80 -9.61 -21.95
C THR E 63 -44.13 -8.30 -21.26
N GLY E 64 -45.04 -7.54 -21.89
CA GLY E 64 -45.49 -6.28 -21.34
C GLY E 64 -44.33 -5.41 -20.94
N HIS E 65 -44.52 -4.67 -19.86
CA HIS E 65 -43.49 -3.80 -19.30
C HIS E 65 -42.96 -4.44 -18.03
N SER E 66 -41.72 -4.93 -18.09
CA SER E 66 -41.04 -5.52 -16.95
C SER E 66 -39.65 -4.92 -16.81
N ASP E 67 -39.14 -4.90 -15.58
CA ASP E 67 -37.86 -4.29 -15.27
C ASP E 67 -37.00 -5.26 -14.47
N PHE E 68 -35.75 -5.43 -14.92
CA PHE E 68 -34.72 -6.08 -14.11
C PHE E 68 -33.86 -5.01 -13.45
N HIS E 69 -33.53 -5.22 -12.18
CA HIS E 69 -32.63 -4.33 -11.45
C HIS E 69 -31.49 -5.15 -10.88
N LEU E 70 -30.28 -4.63 -11.01
CA LEU E 70 -29.09 -5.25 -10.43
C LEU E 70 -28.35 -4.18 -9.65
N PHE E 71 -28.35 -4.30 -8.33
CA PHE E 71 -27.78 -3.30 -7.44
C PHE E 71 -26.91 -3.97 -6.39
N LYS E 72 -26.02 -3.18 -5.80
CA LYS E 72 -25.17 -3.68 -4.74
C LYS E 72 -26.01 -4.08 -3.53
N GLU E 73 -25.49 -5.05 -2.77
CA GLU E 73 -26.10 -5.41 -1.50
C GLU E 73 -26.22 -4.18 -0.61
N GLY E 74 -27.44 -3.91 -0.16
CA GLY E 74 -27.69 -2.78 0.72
C GLY E 74 -28.24 -1.54 0.03
N ILE E 75 -28.46 -1.59 -1.29
CA ILE E 75 -29.02 -0.47 -2.03
C ILE E 75 -30.28 -0.95 -2.71
N LYS E 76 -31.40 -0.30 -2.41
CA LYS E 76 -32.66 -0.63 -3.08
C LYS E 76 -32.79 0.17 -4.37
N PRO E 77 -33.30 -0.42 -5.46
CA PRO E 77 -33.49 0.37 -6.69
C PRO E 77 -34.56 1.44 -6.52
N MET E 78 -34.36 2.34 -5.55
CA MET E 78 -35.34 3.35 -5.21
C MET E 78 -34.60 4.63 -4.85
N TRP E 79 -34.99 5.74 -5.49
CA TRP E 79 -34.30 7.00 -5.26
C TRP E 79 -34.29 7.39 -3.78
N GLU E 80 -35.29 6.92 -3.02
CA GLU E 80 -35.37 7.28 -1.60
C GLU E 80 -34.15 6.77 -0.82
N ASP E 81 -33.52 5.69 -1.28
CA ASP E 81 -32.44 5.06 -0.54
C ASP E 81 -31.35 6.07 -0.20
N ASP E 82 -30.52 5.75 0.79
CA ASP E 82 -29.44 6.66 1.19
C ASP E 82 -28.49 6.91 0.03
N ALA E 83 -28.06 5.85 -0.65
CA ALA E 83 -27.05 5.95 -1.69
C ALA E 83 -27.59 6.38 -3.05
N ASN E 84 -28.82 6.91 -3.10
CA ASN E 84 -29.42 7.33 -4.36
C ASN E 84 -30.03 8.73 -4.32
N LYS E 85 -30.37 9.25 -3.15
CA LYS E 85 -31.00 10.57 -3.06
C LYS E 85 -30.18 11.63 -3.80
N ASN E 86 -28.88 11.71 -3.49
CA ASN E 86 -28.01 12.72 -4.07
C ASN E 86 -27.36 12.27 -5.38
N GLY E 87 -27.89 11.22 -6.01
CA GLY E 87 -27.31 10.65 -7.20
C GLY E 87 -28.16 10.84 -8.44
N GLY E 88 -27.75 10.17 -9.51
CA GLY E 88 -28.45 10.21 -10.78
C GLY E 88 -28.11 8.98 -11.58
N LYS E 89 -28.64 8.96 -12.81
CA LYS E 89 -28.47 7.81 -13.68
C LYS E 89 -28.28 8.26 -15.11
N TRP E 90 -27.44 7.53 -15.85
CA TRP E 90 -27.38 7.66 -17.30
C TRP E 90 -28.43 6.76 -17.92
N ILE E 91 -29.04 7.24 -19.01
CA ILE E 91 -30.18 6.59 -19.62
C ILE E 91 -29.91 6.43 -21.11
N ILE E 92 -30.33 5.30 -21.67
CA ILE E 92 -30.20 5.04 -23.11
C ILE E 92 -31.48 4.37 -23.58
N ARG E 93 -32.17 4.99 -24.53
CA ARG E 93 -33.41 4.46 -25.07
C ARG E 93 -33.11 3.81 -26.41
N LEU E 94 -33.47 2.53 -26.55
CA LEU E 94 -33.02 1.70 -27.66
C LEU E 94 -34.20 1.10 -28.42
N ARG E 95 -34.05 1.01 -29.74
CA ARG E 95 -34.96 0.21 -30.54
C ARG E 95 -35.01 -1.21 -29.99
N LYS E 96 -36.20 -1.80 -30.00
CA LYS E 96 -36.36 -3.12 -29.42
C LYS E 96 -35.50 -4.13 -30.17
N GLY E 97 -35.08 -5.17 -29.44
CA GLY E 97 -34.19 -6.18 -29.97
C GLY E 97 -32.74 -6.00 -29.60
N LEU E 98 -32.42 -5.00 -28.77
CA LEU E 98 -31.05 -4.69 -28.40
C LEU E 98 -30.77 -4.77 -26.91
N ALA E 99 -31.80 -4.75 -26.07
CA ALA E 99 -31.59 -4.68 -24.62
C ALA E 99 -30.88 -5.93 -24.11
N SER E 100 -31.32 -7.11 -24.55
CA SER E 100 -30.79 -8.36 -24.00
C SER E 100 -29.27 -8.41 -24.08
N ARG E 101 -28.70 -7.97 -25.19
CA ARG E 101 -27.24 -8.02 -25.33
C ARG E 101 -26.57 -6.85 -24.62
N CYS E 102 -27.18 -5.66 -24.65
CA CYS E 102 -26.62 -4.53 -23.91
C CYS E 102 -26.68 -4.78 -22.41
N TRP E 103 -27.79 -5.37 -21.93
CA TRP E 103 -27.91 -5.68 -20.51
C TRP E 103 -26.80 -6.59 -20.04
N GLU E 104 -26.34 -7.50 -20.89
CA GLU E 104 -25.25 -8.41 -20.51
C GLU E 104 -23.90 -7.71 -20.57
N ASN E 105 -23.66 -6.91 -21.61
CA ASN E 105 -22.42 -6.16 -21.69
C ASN E 105 -22.28 -5.23 -20.51
N LEU E 106 -23.38 -4.59 -20.09
CA LEU E 106 -23.31 -3.61 -19.01
C LEU E 106 -23.00 -4.29 -17.68
N ILE E 107 -23.82 -5.26 -17.28
CA ILE E 107 -23.66 -5.85 -15.94
C ILE E 107 -22.31 -6.54 -15.82
N LEU E 108 -21.84 -7.16 -16.90
CA LEU E 108 -20.49 -7.73 -16.87
C LEU E 108 -19.47 -6.67 -16.52
N ALA E 109 -19.56 -5.50 -17.16
CA ALA E 109 -18.62 -4.43 -16.86
C ALA E 109 -18.77 -3.95 -15.43
N MET E 110 -20.01 -3.70 -15.00
CA MET E 110 -20.25 -3.25 -13.64
C MET E 110 -19.69 -4.24 -12.62
N LEU E 111 -20.11 -5.51 -12.71
CA LEU E 111 -19.64 -6.52 -11.77
C LEU E 111 -18.12 -6.67 -11.83
N GLY E 112 -17.55 -6.63 -13.03
CA GLY E 112 -16.12 -6.76 -13.19
C GLY E 112 -15.35 -5.51 -12.81
N GLU E 113 -16.04 -4.52 -12.25
CA GLU E 113 -15.41 -3.29 -11.75
C GLU E 113 -14.60 -2.60 -12.86
N GLN E 114 -15.27 -2.35 -13.98
CA GLN E 114 -14.63 -1.79 -15.16
C GLN E 114 -14.97 -0.32 -15.39
N PHE E 115 -15.61 0.35 -14.43
CA PHE E 115 -15.97 1.75 -14.59
C PHE E 115 -15.01 2.71 -13.90
N MET E 116 -14.19 2.24 -12.96
CA MET E 116 -13.10 3.03 -12.39
C MET E 116 -13.63 4.29 -11.70
N VAL E 117 -14.60 4.10 -10.81
CA VAL E 117 -15.17 5.21 -10.06
C VAL E 117 -15.33 4.80 -8.60
N GLY E 118 -14.48 3.88 -8.16
CA GLY E 118 -14.51 3.45 -6.77
C GLY E 118 -15.87 2.87 -6.41
N GLU E 119 -16.55 3.53 -5.48
CA GLU E 119 -17.83 3.08 -4.97
C GLU E 119 -18.99 3.87 -5.54
N GLU E 120 -18.74 4.73 -6.52
CA GLU E 120 -19.78 5.60 -7.07
C GLU E 120 -20.84 4.84 -7.85
N ILE E 121 -20.60 3.58 -8.21
CA ILE E 121 -21.60 2.79 -8.93
C ILE E 121 -22.65 2.30 -7.94
N CYS E 122 -23.92 2.46 -8.30
CA CYS E 122 -25.03 1.96 -7.50
C CYS E 122 -25.65 0.71 -8.11
N GLY E 123 -26.16 0.80 -9.34
CA GLY E 123 -26.77 -0.34 -9.97
C GLY E 123 -27.15 -0.04 -11.41
N ALA E 124 -27.75 -1.04 -12.05
CA ALA E 124 -28.13 -0.95 -13.45
C ALA E 124 -29.54 -1.46 -13.63
N VAL E 125 -30.33 -0.75 -14.46
CA VAL E 125 -31.72 -1.09 -14.70
C VAL E 125 -31.93 -1.25 -16.20
N VAL E 126 -32.73 -2.25 -16.57
CA VAL E 126 -33.17 -2.45 -17.95
C VAL E 126 -34.69 -2.53 -17.92
N SER E 127 -35.35 -1.67 -18.70
CA SER E 127 -36.81 -1.57 -18.71
C SER E 127 -37.34 -2.00 -20.06
N VAL E 128 -37.93 -3.20 -20.13
CA VAL E 128 -38.62 -3.62 -21.32
C VAL E 128 -39.94 -2.86 -21.43
N ARG E 129 -40.28 -2.43 -22.64
CA ARG E 129 -41.50 -1.65 -22.85
C ARG E 129 -42.06 -2.00 -24.22
N PHE E 130 -43.11 -1.28 -24.63
CA PHE E 130 -43.86 -1.65 -25.82
C PHE E 130 -43.06 -1.38 -27.09
N GLN E 131 -42.68 -0.12 -27.32
CA GLN E 131 -41.98 0.25 -28.55
C GLN E 131 -40.58 0.77 -28.29
N GLU E 132 -39.97 0.43 -27.16
CA GLU E 132 -38.59 0.79 -26.90
C GLU E 132 -38.10 0.06 -25.65
N ASP E 133 -36.78 0.14 -25.43
CA ASP E 133 -36.15 -0.38 -24.24
C ASP E 133 -35.27 0.70 -23.64
N ILE E 134 -35.06 0.63 -22.32
CA ILE E 134 -34.24 1.61 -21.62
C ILE E 134 -33.29 0.87 -20.70
N ILE E 135 -31.99 1.10 -20.86
CA ILE E 135 -30.98 0.67 -19.91
C ILE E 135 -30.43 1.91 -19.21
N SER E 136 -30.08 1.75 -17.95
CA SER E 136 -29.53 2.85 -17.18
C SER E 136 -28.54 2.32 -16.17
N ILE E 137 -27.61 3.16 -15.77
CA ILE E 137 -26.65 2.85 -14.71
C ILE E 137 -26.72 3.97 -13.69
N TRP E 138 -27.01 3.62 -12.44
CA TRP E 138 -27.16 4.59 -11.37
C TRP E 138 -25.84 4.79 -10.65
N ASN E 139 -25.56 6.04 -10.28
CA ASN E 139 -24.34 6.38 -9.55
C ASN E 139 -24.71 7.20 -8.32
N LYS E 140 -23.73 7.36 -7.43
CA LYS E 140 -24.00 7.82 -6.08
C LYS E 140 -24.26 9.33 -6.02
N THR E 141 -23.33 10.13 -6.56
CA THR E 141 -23.40 11.58 -6.46
C THR E 141 -23.61 12.16 -7.86
N ALA E 142 -24.66 12.97 -8.02
CA ALA E 142 -24.98 13.53 -9.32
C ALA E 142 -24.04 14.66 -9.70
N SER E 143 -23.65 15.49 -8.73
CA SER E 143 -22.81 16.65 -9.01
C SER E 143 -21.42 16.28 -9.51
N ASP E 144 -21.05 15.00 -9.46
CA ASP E 144 -19.70 14.56 -9.80
C ASP E 144 -19.55 14.48 -11.32
N GLN E 145 -19.47 15.65 -11.94
CA GLN E 145 -19.28 15.72 -13.39
C GLN E 145 -18.03 14.99 -13.84
N ALA E 146 -17.08 14.75 -12.92
CA ALA E 146 -15.93 13.91 -13.25
C ALA E 146 -16.34 12.46 -13.39
N THR E 147 -17.09 11.94 -12.41
CA THR E 147 -17.54 10.55 -12.46
C THR E 147 -18.53 10.34 -13.60
N THR E 148 -19.50 11.23 -13.74
CA THR E 148 -20.54 11.04 -14.74
C THR E 148 -19.96 10.98 -16.15
N ALA E 149 -18.99 11.85 -16.45
CA ALA E 149 -18.37 11.84 -17.77
C ALA E 149 -17.64 10.53 -18.03
N ARG E 150 -16.89 10.05 -17.04
CA ARG E 150 -16.19 8.77 -17.19
C ARG E 150 -17.17 7.64 -17.48
N ILE E 151 -18.32 7.66 -16.80
CA ILE E 151 -19.32 6.62 -17.03
C ILE E 151 -19.91 6.73 -18.43
N ARG E 152 -20.28 7.94 -18.83
CA ARG E 152 -20.65 8.20 -20.22
C ARG E 152 -19.64 7.57 -21.18
N ASP E 153 -18.37 7.92 -21.01
CA ASP E 153 -17.34 7.42 -21.92
C ASP E 153 -17.16 5.92 -21.78
N THR E 154 -17.34 5.36 -20.58
CA THR E 154 -17.23 3.92 -20.41
C THR E 154 -18.41 3.19 -21.01
N LEU E 155 -19.63 3.73 -20.83
CA LEU E 155 -20.81 3.11 -21.41
C LEU E 155 -20.67 2.98 -22.92
N ARG E 156 -20.22 4.04 -23.60
CA ARG E 156 -20.13 4.00 -25.05
C ARG E 156 -19.16 2.91 -25.52
N ARG E 157 -18.02 2.78 -24.85
CA ARG E 157 -17.05 1.77 -25.24
C ARG E 157 -17.48 0.36 -24.83
N VAL E 158 -18.15 0.22 -23.69
CA VAL E 158 -18.53 -1.11 -23.22
C VAL E 158 -19.70 -1.66 -24.02
N LEU E 159 -20.55 -0.80 -24.59
CA LEU E 159 -21.73 -1.24 -25.31
C LEU E 159 -21.61 -1.06 -26.82
N ASN E 160 -20.47 -0.59 -27.32
CA ASN E 160 -20.28 -0.36 -28.75
C ASN E 160 -21.41 0.50 -29.31
N LEU E 161 -21.52 1.71 -28.78
CA LEU E 161 -22.55 2.63 -29.23
C LEU E 161 -22.03 3.49 -30.38
N PRO E 162 -22.83 3.74 -31.41
CA PRO E 162 -22.37 4.59 -32.50
C PRO E 162 -22.09 6.00 -31.99
N PRO E 163 -21.20 6.73 -32.66
CA PRO E 163 -20.84 8.08 -32.18
C PRO E 163 -22.01 8.96 -31.81
N ASN E 164 -23.07 9.00 -32.64
CA ASN E 164 -24.15 9.96 -32.47
C ASN E 164 -25.36 9.35 -31.76
N THR E 165 -25.14 8.41 -30.85
CA THR E 165 -26.22 7.85 -30.06
C THR E 165 -26.67 8.84 -28.99
N ILE E 166 -27.97 8.92 -28.77
CA ILE E 166 -28.53 9.81 -27.77
C ILE E 166 -28.34 9.19 -26.40
N MET E 167 -27.82 9.98 -25.47
CA MET E 167 -27.70 9.58 -24.07
C MET E 167 -28.02 10.77 -23.18
N GLU E 168 -28.77 10.53 -22.12
CA GLU E 168 -29.18 11.57 -21.19
C GLU E 168 -28.83 11.17 -19.77
N TYR E 169 -28.46 12.16 -18.97
CA TYR E 169 -28.22 11.98 -17.54
C TYR E 169 -29.33 12.69 -16.79
N LYS E 170 -30.19 11.92 -16.13
CA LYS E 170 -31.27 12.47 -15.31
C LYS E 170 -30.91 12.33 -13.84
N THR E 171 -31.21 13.37 -13.06
CA THR E 171 -31.04 13.33 -11.62
C THR E 171 -32.32 12.82 -10.97
N HIS E 172 -32.16 11.96 -9.97
CA HIS E 172 -33.32 11.31 -9.36
C HIS E 172 -34.27 12.30 -8.70
N THR E 173 -33.81 13.52 -8.42
CA THR E 173 -34.66 14.57 -7.86
C THR E 173 -35.15 15.43 -9.03
N ASP E 174 -36.24 14.99 -9.66
CA ASP E 174 -36.81 15.68 -10.80
C ASP E 174 -35.78 15.92 -11.89
N ALA F 9 -9.72 -0.82 -6.05
CA ALA F 9 -10.46 -2.07 -5.93
C ALA F 9 -9.52 -3.26 -6.07
N ASP F 10 -9.80 -4.31 -5.30
CA ASP F 10 -8.95 -5.50 -5.26
C ASP F 10 -9.45 -6.65 -6.12
N TYR F 11 -10.66 -6.53 -6.70
CA TYR F 11 -11.25 -7.62 -7.49
C TYR F 11 -11.84 -7.03 -8.77
N ARG F 12 -11.08 -7.06 -9.85
CA ARG F 12 -11.57 -6.68 -11.16
C ARG F 12 -11.58 -7.89 -12.07
N TYR F 13 -12.34 -7.79 -13.16
CA TYR F 13 -12.45 -8.87 -14.14
C TYR F 13 -12.80 -8.27 -15.50
N GLY F 14 -12.06 -8.67 -16.52
CA GLY F 14 -12.42 -8.31 -17.87
C GLY F 14 -13.58 -9.14 -18.38
N ARG F 15 -14.18 -8.67 -19.47
CA ARG F 15 -15.31 -9.39 -20.08
C ARG F 15 -14.95 -10.86 -20.32
N GLU F 16 -13.78 -11.10 -20.90
CA GLU F 16 -13.37 -12.48 -21.16
C GLU F 16 -13.14 -13.26 -19.87
N GLU F 17 -12.61 -12.59 -18.84
CA GLU F 17 -12.42 -13.27 -17.56
C GLU F 17 -13.74 -13.74 -16.99
N MET F 18 -14.77 -12.90 -17.07
CA MET F 18 -16.10 -13.30 -16.64
C MET F 18 -16.58 -14.51 -17.42
N LEU F 19 -16.54 -14.41 -18.75
CA LEU F 19 -17.04 -15.48 -19.61
C LEU F 19 -16.31 -16.78 -19.35
N ALA F 20 -14.98 -16.73 -19.26
CA ALA F 20 -14.18 -17.93 -19.04
C ALA F 20 -14.59 -18.69 -17.79
N LEU F 21 -15.33 -18.06 -16.88
CA LEU F 21 -15.76 -18.69 -15.64
C LEU F 21 -17.19 -19.20 -15.70
N TYR F 22 -17.89 -19.03 -16.80
CA TYR F 22 -19.22 -19.60 -16.94
C TYR F 22 -19.12 -21.11 -17.14
N VAL F 23 -19.90 -21.86 -16.34
CA VAL F 23 -19.98 -23.31 -16.48
C VAL F 23 -21.45 -23.69 -16.43
N LYS F 24 -21.93 -24.31 -17.50
CA LYS F 24 -23.28 -24.84 -17.55
C LYS F 24 -23.62 -25.58 -16.26
N GLU F 25 -24.72 -25.17 -15.63
CA GLU F 25 -25.14 -25.76 -14.37
C GLU F 25 -26.65 -25.91 -14.41
N ASN F 26 -27.13 -27.16 -14.38
CA ASN F 26 -28.57 -27.40 -14.32
C ASN F 26 -29.16 -27.04 -12.97
N LYS F 27 -28.32 -26.68 -12.00
CA LYS F 27 -28.79 -26.35 -10.66
C LYS F 27 -29.52 -25.01 -10.70
N VAL F 28 -30.81 -25.02 -10.39
CA VAL F 28 -31.65 -23.83 -10.43
C VAL F 28 -31.68 -23.23 -9.03
N PRO F 29 -31.17 -22.01 -8.82
CA PRO F 29 -31.20 -21.44 -7.46
C PRO F 29 -32.61 -21.38 -6.91
N GLU F 30 -32.75 -21.77 -5.64
CA GLU F 30 -34.06 -21.76 -5.00
C GLU F 30 -34.69 -20.39 -5.00
N GLU F 31 -33.86 -19.33 -4.99
CA GLU F 31 -34.41 -17.98 -4.98
C GLU F 31 -35.32 -17.75 -6.18
N LEU F 32 -35.06 -18.42 -7.30
CA LEU F 32 -35.85 -18.23 -8.52
C LEU F 32 -37.02 -19.20 -8.62
N GLN F 33 -37.07 -20.23 -7.79
CA GLN F 33 -38.19 -21.16 -7.80
C GLN F 33 -39.41 -20.59 -7.07
N ASP F 34 -39.30 -19.40 -6.49
CA ASP F 34 -40.46 -18.72 -5.93
C ASP F 34 -41.46 -18.42 -7.03
N LYS F 35 -42.73 -18.33 -6.64
CA LYS F 35 -43.79 -18.11 -7.63
C LYS F 35 -43.82 -16.67 -8.13
N GLU F 36 -43.35 -15.71 -7.34
CA GLU F 36 -43.34 -14.32 -7.78
C GLU F 36 -42.47 -14.12 -9.02
N PHE F 37 -41.56 -15.04 -9.29
CA PHE F 37 -40.66 -14.94 -10.45
C PHE F 37 -40.92 -16.03 -11.48
N ALA F 38 -42.16 -16.52 -11.54
CA ALA F 38 -42.49 -17.58 -12.50
C ALA F 38 -42.10 -17.18 -13.92
N ALA F 39 -42.42 -15.95 -14.31
CA ALA F 39 -42.11 -15.50 -15.66
C ALA F 39 -40.61 -15.34 -15.88
N VAL F 40 -39.86 -15.09 -14.81
CA VAL F 40 -38.42 -14.87 -14.92
C VAL F 40 -37.64 -16.18 -14.97
N LEU F 41 -38.20 -17.26 -14.45
CA LEU F 41 -37.45 -18.50 -14.32
C LEU F 41 -37.14 -19.11 -15.68
N GLN F 42 -35.93 -19.65 -15.80
CA GLN F 42 -35.50 -20.40 -16.97
C GLN F 42 -34.88 -21.71 -16.47
N ASP F 43 -35.65 -22.79 -16.56
CA ASP F 43 -35.19 -24.09 -16.07
C ASP F 43 -33.90 -24.51 -16.76
N GLU F 44 -33.98 -24.90 -18.02
CA GLU F 44 -32.77 -25.28 -18.75
C GLU F 44 -31.82 -24.09 -18.80
N PRO F 45 -30.57 -24.24 -18.38
CA PRO F 45 -29.67 -23.08 -18.33
C PRO F 45 -29.44 -22.47 -19.70
N LEU F 46 -29.25 -21.15 -19.71
CA LEU F 46 -28.86 -20.41 -20.90
C LEU F 46 -27.42 -19.96 -20.78
N GLN F 47 -26.69 -20.03 -21.88
CA GLN F 47 -25.30 -19.59 -21.89
C GLN F 47 -25.25 -18.08 -22.05
N PRO F 48 -24.09 -17.48 -21.84
CA PRO F 48 -23.96 -16.04 -22.08
C PRO F 48 -24.25 -15.71 -23.54
N LEU F 49 -25.03 -14.64 -23.76
CA LEU F 49 -25.29 -14.19 -25.11
C LEU F 49 -23.99 -13.93 -25.88
N ALA F 50 -22.91 -13.62 -25.16
CA ALA F 50 -21.65 -13.31 -25.83
C ALA F 50 -21.14 -14.46 -26.66
N LEU F 51 -21.53 -15.69 -26.32
CA LEU F 51 -21.06 -16.87 -27.04
C LEU F 51 -21.95 -17.25 -28.23
N GLU F 52 -23.02 -16.49 -28.48
CA GLU F 52 -23.94 -16.79 -29.55
C GLU F 52 -23.91 -15.68 -30.59
N PRO F 53 -23.80 -16.00 -31.88
CA PRO F 53 -23.79 -14.94 -32.90
C PRO F 53 -25.15 -14.28 -33.07
N LEU F 54 -25.23 -13.29 -33.96
CA LEU F 54 -26.44 -12.52 -34.17
C LEU F 54 -27.42 -13.30 -35.05
N THR F 55 -28.56 -13.66 -34.48
CA THR F 55 -29.52 -14.48 -35.19
C THR F 55 -30.06 -13.75 -36.42
N GLU F 56 -30.76 -14.48 -37.27
CA GLU F 56 -31.12 -13.96 -38.59
C GLU F 56 -31.91 -12.66 -38.49
N GLU F 57 -32.77 -12.54 -37.48
CA GLU F 57 -33.61 -11.35 -37.38
C GLU F 57 -32.85 -10.17 -36.80
N GLU F 58 -31.83 -10.40 -35.97
CA GLU F 58 -31.05 -9.29 -35.43
C GLU F 58 -30.29 -8.54 -36.51
N GLN F 59 -29.83 -9.25 -37.54
CA GLN F 59 -29.09 -8.60 -38.61
C GLN F 59 -30.00 -7.73 -39.48
N ARG F 60 -31.28 -8.11 -39.59
CA ARG F 60 -32.16 -7.47 -40.57
C ARG F 60 -32.30 -5.96 -40.32
N ASN F 61 -32.17 -5.52 -39.07
CA ASN F 61 -32.44 -4.12 -38.74
C ASN F 61 -31.34 -3.45 -37.90
N PHE F 62 -30.19 -4.11 -37.70
CA PHE F 62 -29.23 -3.59 -36.74
C PHE F 62 -28.50 -2.36 -37.25
N SER F 63 -28.19 -2.31 -38.54
CA SER F 63 -27.11 -1.45 -39.02
C SER F 63 -27.42 0.03 -38.91
N LEU F 64 -28.71 0.42 -38.93
CA LEU F 64 -29.04 1.83 -39.13
C LEU F 64 -28.68 2.68 -37.91
N SER F 65 -29.19 2.32 -36.73
CA SER F 65 -28.91 3.10 -35.52
C SER F 65 -29.34 2.29 -34.31
N VAL F 66 -28.90 2.74 -33.14
CA VAL F 66 -29.23 2.04 -31.88
C VAL F 66 -30.49 2.61 -31.24
N ASN F 67 -30.68 3.92 -31.27
CA ASN F 67 -31.80 4.54 -30.57
C ASN F 67 -33.12 4.17 -31.21
N SER F 68 -34.18 4.20 -30.41
CA SER F 68 -35.52 3.90 -30.88
C SER F 68 -36.12 5.13 -31.58
N VAL F 69 -37.31 4.94 -32.16
CA VAL F 69 -37.95 6.03 -32.87
C VAL F 69 -38.54 7.04 -31.90
N ALA F 70 -38.90 6.61 -30.69
CA ALA F 70 -39.53 7.52 -29.73
C ALA F 70 -38.55 8.57 -29.24
N VAL F 71 -37.29 8.20 -29.05
CA VAL F 71 -36.30 9.12 -28.50
C VAL F 71 -35.69 10.00 -29.59
N LEU F 72 -35.63 9.50 -30.83
CA LEU F 72 -35.04 10.27 -31.92
C LEU F 72 -35.91 11.44 -32.36
N ARG F 73 -37.21 11.38 -32.11
CA ARG F 73 -38.15 12.40 -32.57
C ARG F 73 -38.25 13.59 -31.61
N LEU F 74 -37.51 13.59 -30.51
CA LEU F 74 -37.56 14.67 -29.54
C LEU F 74 -36.25 15.47 -29.49
N MET F 75 -35.40 15.34 -30.50
CA MET F 75 -34.13 16.06 -30.55
C MET F 75 -34.28 17.34 -31.36
N GLU G 6 1.39 5.48 -8.00
CA GLU G 6 2.16 5.80 -9.19
C GLU G 6 3.14 4.67 -9.52
N ALA G 7 2.90 3.50 -8.94
CA ALA G 7 3.68 2.32 -9.27
C ALA G 7 3.12 1.67 -10.52
N GLU G 8 3.97 1.45 -11.53
CA GLU G 8 3.47 0.93 -12.79
C GLU G 8 2.88 -0.47 -12.59
N HIS G 9 1.99 -0.83 -13.50
CA HIS G 9 1.24 -2.08 -13.41
C HIS G 9 1.91 -3.16 -14.24
N PRO G 10 2.50 -4.19 -13.64
CA PRO G 10 3.28 -5.16 -14.44
C PRO G 10 2.41 -5.89 -15.45
N LEU G 11 3.09 -6.52 -16.41
CA LEU G 11 2.47 -7.42 -17.36
C LEU G 11 2.86 -8.85 -17.00
N GLN G 12 1.96 -9.79 -17.28
CA GLN G 12 2.26 -11.19 -17.01
C GLN G 12 3.58 -11.59 -17.67
N TYR G 13 3.84 -11.05 -18.86
CA TYR G 13 5.09 -11.30 -19.57
C TYR G 13 5.62 -9.98 -20.08
N ASN G 14 6.93 -9.94 -20.31
CA ASN G 14 7.53 -8.86 -21.09
C ASN G 14 7.25 -9.11 -22.57
N TYR G 15 6.96 -8.05 -23.29
CA TYR G 15 6.68 -8.14 -24.72
C TYR G 15 7.66 -7.28 -25.50
N THR G 16 7.87 -7.65 -26.75
CA THR G 16 8.84 -7.00 -27.60
C THR G 16 8.21 -6.68 -28.94
N PHE G 17 8.34 -5.42 -29.36
CA PHE G 17 7.92 -5.01 -30.68
C PHE G 17 9.02 -5.31 -31.69
N TRP G 18 8.62 -5.79 -32.87
CA TRP G 18 9.53 -6.00 -33.98
C TRP G 18 8.94 -5.33 -35.21
N TYR G 19 9.83 -4.88 -36.09
CA TYR G 19 9.43 -4.23 -37.34
C TYR G 19 10.17 -4.88 -38.49
N SER G 20 9.49 -4.93 -39.65
CA SER G 20 10.10 -5.50 -40.84
C SER G 20 9.44 -4.91 -42.08
N ARG G 21 10.24 -4.69 -43.11
CA ARG G 21 9.76 -4.28 -44.43
C ARG G 21 10.17 -5.31 -45.46
N ARG G 22 9.60 -5.17 -46.65
CA ARG G 22 9.86 -6.05 -47.76
C ARG G 22 10.25 -5.23 -48.99
N THR G 23 10.90 -5.88 -49.94
CA THR G 23 11.30 -5.27 -51.19
C THR G 23 10.39 -5.79 -52.30
N PRO G 24 9.27 -5.11 -52.60
CA PRO G 24 8.35 -5.59 -53.63
C PRO G 24 8.80 -5.26 -55.05
N ASN G 36 16.37 -8.80 -41.40
CA ASN G 36 15.06 -8.65 -42.03
C ASN G 36 14.03 -8.13 -41.04
N ILE G 37 14.02 -8.73 -39.84
CA ILE G 37 13.04 -8.42 -38.80
C ILE G 37 13.77 -7.92 -37.56
N LYS G 38 14.09 -6.63 -37.54
CA LYS G 38 14.78 -6.03 -36.40
C LYS G 38 13.81 -5.65 -35.30
N GLN G 39 14.20 -5.93 -34.06
CA GLN G 39 13.35 -5.63 -32.90
C GLN G 39 13.49 -4.17 -32.50
N ILE G 40 12.38 -3.61 -32.01
CA ILE G 40 12.36 -2.21 -31.59
C ILE G 40 12.78 -2.12 -30.13
N GLY G 41 11.91 -2.56 -29.23
CA GLY G 41 12.20 -2.48 -27.81
C GLY G 41 11.33 -3.44 -27.02
N THR G 42 11.60 -3.49 -25.71
CA THR G 42 10.92 -4.39 -24.80
C THR G 42 10.34 -3.58 -23.65
N PHE G 43 9.20 -4.04 -23.13
CA PHE G 43 8.51 -3.37 -22.05
C PHE G 43 7.89 -4.39 -21.11
N ALA G 44 7.70 -3.99 -19.86
CA ALA G 44 7.24 -4.90 -18.82
C ALA G 44 5.96 -4.46 -18.12
N SER G 45 5.41 -3.29 -18.44
CA SER G 45 4.23 -2.79 -17.77
C SER G 45 3.27 -2.20 -18.79
N VAL G 46 2.05 -1.91 -18.35
CA VAL G 46 1.08 -1.24 -19.21
C VAL G 46 1.54 0.18 -19.52
N GLU G 47 2.20 0.84 -18.55
CA GLU G 47 2.65 2.21 -18.78
C GLU G 47 3.78 2.24 -19.79
N GLN G 48 4.74 1.32 -19.68
CA GLN G 48 5.81 1.22 -20.66
C GLN G 48 5.26 0.89 -22.04
N PHE G 49 4.14 0.17 -22.10
CA PHE G 49 3.53 -0.16 -23.38
C PHE G 49 3.03 1.09 -24.10
N TRP G 50 2.27 1.94 -23.39
CA TRP G 50 1.72 3.14 -24.01
C TRP G 50 2.82 4.07 -24.48
N ARG G 51 3.97 4.09 -23.79
CA ARG G 51 5.08 4.93 -24.22
C ARG G 51 5.58 4.50 -25.60
N PHE G 52 5.62 3.19 -25.85
CA PHE G 52 5.97 2.69 -27.18
C PHE G 52 4.82 2.91 -28.16
N TYR G 53 3.64 2.39 -27.84
CA TYR G 53 2.55 2.39 -28.80
C TYR G 53 2.15 3.80 -29.19
N SER G 54 2.17 4.73 -28.23
CA SER G 54 1.77 6.11 -28.53
C SER G 54 2.72 6.78 -29.51
N HIS G 55 3.96 6.29 -29.62
CA HIS G 55 4.95 6.87 -30.53
C HIS G 55 5.25 5.95 -31.71
N MET G 56 4.28 5.13 -32.11
CA MET G 56 4.41 4.28 -33.28
C MET G 56 3.31 4.64 -34.27
N VAL G 57 3.69 4.78 -35.53
CA VAL G 57 2.71 5.06 -36.58
C VAL G 57 1.71 3.92 -36.65
N ARG G 58 0.44 4.25 -36.69
CA ARG G 58 -0.58 3.21 -36.84
C ARG G 58 -0.27 2.38 -38.08
N PRO G 59 -0.53 1.07 -38.05
CA PRO G 59 -0.21 0.26 -39.24
C PRO G 59 -0.97 0.71 -40.48
N GLY G 60 -2.21 1.18 -40.32
CA GLY G 60 -2.99 1.64 -41.47
C GLY G 60 -2.34 2.77 -42.24
N ASP G 61 -1.42 3.50 -41.62
CA ASP G 61 -0.74 4.61 -42.27
C ASP G 61 0.60 4.20 -42.88
N LEU G 62 1.01 2.95 -42.72
CA LEU G 62 2.29 2.50 -43.27
C LEU G 62 2.18 2.33 -44.78
N THR G 63 3.24 2.74 -45.47
CA THR G 63 3.31 2.67 -46.91
C THR G 63 4.07 1.42 -47.34
N GLY G 64 3.62 0.81 -48.44
CA GLY G 64 4.30 -0.36 -48.96
C GLY G 64 3.98 -1.61 -48.15
N HIS G 65 4.96 -2.52 -48.11
CA HIS G 65 4.81 -3.81 -47.45
C HIS G 65 5.65 -3.80 -46.17
N SER G 66 4.97 -3.78 -45.03
CA SER G 66 5.60 -3.63 -43.73
C SER G 66 4.84 -4.48 -42.71
N ASP G 67 5.51 -4.79 -41.60
CA ASP G 67 4.90 -5.61 -40.56
C ASP G 67 5.31 -5.11 -39.19
N PHE G 68 4.34 -5.11 -38.26
CA PHE G 68 4.59 -4.99 -36.84
C PHE G 68 4.40 -6.35 -36.20
N HIS G 69 5.33 -6.76 -35.35
CA HIS G 69 5.22 -7.99 -34.59
C HIS G 69 5.28 -7.67 -33.10
N LEU G 70 4.40 -8.29 -32.33
CA LEU G 70 4.36 -8.12 -30.88
C LEU G 70 4.41 -9.51 -30.24
N PHE G 71 5.60 -9.92 -29.80
CA PHE G 71 5.82 -11.25 -29.23
C PHE G 71 6.42 -11.15 -27.84
N LYS G 72 6.17 -12.17 -27.03
CA LYS G 72 6.76 -12.27 -25.71
C LYS G 72 8.28 -12.19 -25.78
N GLU G 73 8.87 -11.64 -24.73
CA GLU G 73 10.32 -11.67 -24.59
C GLU G 73 10.81 -13.11 -24.58
N GLY G 74 11.78 -13.40 -25.43
CA GLY G 74 12.31 -14.74 -25.57
C GLY G 74 11.83 -15.44 -26.82
N ILE G 75 10.78 -14.95 -27.45
CA ILE G 75 10.21 -15.54 -28.66
C ILE G 75 10.55 -14.64 -29.84
N LYS G 76 11.08 -15.24 -30.88
CA LYS G 76 11.37 -14.53 -32.10
C LYS G 76 10.23 -14.70 -33.09
N PRO G 77 9.80 -13.65 -33.81
CA PRO G 77 8.59 -13.76 -34.65
C PRO G 77 8.78 -14.69 -35.84
N MET G 78 9.24 -15.90 -35.59
CA MET G 78 9.54 -16.86 -36.64
C MET G 78 9.18 -18.25 -36.16
N TRP G 79 8.59 -19.04 -37.05
CA TRP G 79 8.17 -20.38 -36.68
C TRP G 79 9.32 -21.25 -36.19
N GLU G 80 10.56 -20.93 -36.60
CA GLU G 80 11.70 -21.71 -36.16
C GLU G 80 11.91 -21.64 -34.65
N ASP G 81 11.40 -20.59 -34.00
CA ASP G 81 11.57 -20.44 -32.56
C ASP G 81 11.03 -21.67 -31.84
N ASP G 82 11.62 -21.98 -30.69
CA ASP G 82 11.23 -23.18 -29.96
C ASP G 82 9.78 -23.14 -29.53
N ALA G 83 9.25 -21.94 -29.27
CA ALA G 83 7.86 -21.81 -28.86
C ALA G 83 6.88 -21.88 -30.03
N ASN G 84 7.38 -21.85 -31.26
CA ASN G 84 6.51 -21.83 -32.44
C ASN G 84 6.66 -23.06 -33.33
N LYS G 85 7.71 -23.87 -33.15
CA LYS G 85 7.93 -25.01 -34.05
C LYS G 85 6.67 -25.83 -34.22
N ASN G 86 5.94 -26.08 -33.12
CA ASN G 86 4.74 -26.90 -33.14
C ASN G 86 3.47 -26.07 -33.00
N GLY G 87 3.56 -24.75 -33.21
CA GLY G 87 2.44 -23.85 -33.02
C GLY G 87 1.73 -23.51 -34.32
N GLY G 88 0.86 -22.51 -34.22
CA GLY G 88 0.09 -22.05 -35.36
C GLY G 88 -0.42 -20.66 -35.09
N LYS G 89 -1.21 -20.15 -36.02
CA LYS G 89 -1.74 -18.79 -35.94
C LYS G 89 -3.13 -18.73 -36.53
N TRP G 90 -4.04 -18.03 -35.85
CA TRP G 90 -5.30 -17.64 -36.45
C TRP G 90 -5.08 -16.42 -37.33
N ILE G 91 -5.73 -16.39 -38.49
CA ILE G 91 -5.47 -15.38 -39.51
C ILE G 91 -6.80 -14.82 -40.00
N ILE G 92 -6.90 -13.49 -40.01
CA ILE G 92 -8.03 -12.79 -40.62
C ILE G 92 -7.48 -11.81 -41.64
N ARG G 93 -8.00 -11.89 -42.86
CA ARG G 93 -7.56 -11.02 -43.96
C ARG G 93 -8.61 -9.92 -44.14
N LEU G 94 -8.20 -8.69 -43.86
CA LEU G 94 -9.11 -7.55 -43.74
C LEU G 94 -9.04 -6.65 -44.96
N ARG G 95 -10.17 -5.98 -45.23
CA ARG G 95 -10.19 -4.91 -46.21
C ARG G 95 -9.42 -3.70 -45.68
N LYS G 96 -8.93 -2.88 -46.60
CA LYS G 96 -8.16 -1.72 -46.21
C LYS G 96 -8.99 -0.79 -45.34
N GLY G 97 -8.35 -0.22 -44.31
CA GLY G 97 -8.98 0.75 -43.44
C GLY G 97 -9.40 0.24 -42.08
N LEU G 98 -9.08 -1.01 -41.74
CA LEU G 98 -9.48 -1.59 -40.46
C LEU G 98 -8.32 -2.10 -39.62
N ALA G 99 -7.13 -2.29 -40.22
CA ALA G 99 -6.04 -2.93 -39.49
C ALA G 99 -5.67 -2.17 -38.23
N SER G 100 -5.69 -0.83 -38.29
CA SER G 100 -5.20 -0.04 -37.18
C SER G 100 -6.02 -0.29 -35.91
N ARG G 101 -7.35 -0.27 -36.03
CA ARG G 101 -8.19 -0.47 -34.86
C ARG G 101 -8.21 -1.92 -34.41
N CYS G 102 -8.31 -2.86 -35.34
CA CYS G 102 -8.25 -4.26 -34.97
C CYS G 102 -6.93 -4.58 -34.27
N TRP G 103 -5.83 -4.09 -34.84
CA TRP G 103 -4.52 -4.29 -34.22
C TRP G 103 -4.50 -3.81 -32.78
N GLU G 104 -5.12 -2.66 -32.50
CA GLU G 104 -5.11 -2.15 -31.13
C GLU G 104 -5.93 -3.05 -30.20
N ASN G 105 -7.17 -3.36 -30.59
CA ASN G 105 -7.98 -4.24 -29.76
C ASN G 105 -7.29 -5.58 -29.54
N LEU G 106 -6.68 -6.13 -30.58
CA LEU G 106 -6.02 -7.43 -30.46
C LEU G 106 -4.91 -7.38 -29.42
N ILE G 107 -4.06 -6.36 -29.48
CA ILE G 107 -2.91 -6.32 -28.57
C ILE G 107 -3.34 -5.93 -27.16
N LEU G 108 -4.38 -5.10 -27.02
CA LEU G 108 -4.87 -4.78 -25.69
C LEU G 108 -5.37 -6.04 -24.98
N ALA G 109 -6.03 -6.92 -25.72
CA ALA G 109 -6.46 -8.19 -25.13
C ALA G 109 -5.26 -9.09 -24.84
N MET G 110 -4.32 -9.16 -25.76
CA MET G 110 -3.16 -10.02 -25.57
C MET G 110 -2.35 -9.60 -24.35
N LEU G 111 -1.98 -8.32 -24.28
CA LEU G 111 -1.21 -7.83 -23.15
C LEU G 111 -2.00 -7.93 -21.85
N GLY G 112 -3.31 -7.75 -21.92
CA GLY G 112 -4.16 -7.86 -20.76
C GLY G 112 -4.47 -9.29 -20.35
N GLU G 113 -3.87 -10.28 -21.00
CA GLU G 113 -4.08 -11.68 -20.66
C GLU G 113 -5.57 -12.01 -20.68
N GLN G 114 -6.23 -11.63 -21.77
CA GLN G 114 -7.67 -11.79 -21.89
C GLN G 114 -8.07 -12.98 -22.75
N PHE G 115 -7.12 -13.82 -23.16
CA PHE G 115 -7.45 -14.95 -24.01
C PHE G 115 -7.71 -16.22 -23.21
N MET G 116 -7.07 -16.37 -22.04
CA MET G 116 -7.43 -17.42 -21.10
C MET G 116 -7.03 -18.79 -21.65
N VAL G 117 -5.76 -18.90 -22.05
CA VAL G 117 -5.22 -20.14 -22.57
C VAL G 117 -3.84 -20.39 -21.96
N GLY G 118 -3.64 -19.91 -20.75
CA GLY G 118 -2.38 -20.14 -20.06
C GLY G 118 -1.24 -19.45 -20.77
N GLU G 119 -0.15 -20.17 -20.98
CA GLU G 119 1.04 -19.64 -21.62
C GLU G 119 1.09 -19.97 -23.11
N GLU G 120 -0.06 -20.27 -23.71
CA GLU G 120 -0.09 -20.73 -25.10
C GLU G 120 0.07 -19.60 -26.10
N ILE G 121 -0.23 -18.36 -25.72
CA ILE G 121 -0.07 -17.24 -26.64
C ILE G 121 1.41 -16.94 -26.83
N CYS G 122 1.79 -16.61 -28.06
CA CYS G 122 3.17 -16.25 -28.38
C CYS G 122 3.32 -14.80 -28.80
N GLY G 123 2.44 -14.32 -29.66
CA GLY G 123 2.52 -12.95 -30.14
C GLY G 123 1.51 -12.75 -31.24
N ALA G 124 1.47 -11.50 -31.72
CA ALA G 124 0.56 -11.11 -32.78
C ALA G 124 1.32 -10.34 -33.85
N VAL G 125 0.78 -10.37 -35.06
CA VAL G 125 1.40 -9.72 -36.21
C VAL G 125 0.32 -8.98 -36.98
N VAL G 126 0.67 -7.81 -37.49
CA VAL G 126 -0.14 -7.08 -38.45
C VAL G 126 0.72 -6.83 -39.69
N SER G 127 0.19 -7.15 -40.85
CA SER G 127 0.92 -7.08 -42.10
C SER G 127 0.17 -6.15 -43.03
N VAL G 128 0.77 -5.01 -43.35
CA VAL G 128 0.17 -4.05 -44.26
C VAL G 128 0.57 -4.45 -45.66
N ARG G 129 -0.43 -4.65 -46.52
CA ARG G 129 -0.16 -5.10 -47.88
C ARG G 129 -0.89 -4.24 -48.89
N PHE G 130 -0.87 -4.66 -50.16
CA PHE G 130 -1.32 -3.80 -51.25
C PHE G 130 -2.81 -3.51 -51.15
N GLN G 131 -3.64 -4.53 -51.33
CA GLN G 131 -5.08 -4.38 -51.35
C GLN G 131 -5.75 -5.04 -50.15
N GLU G 132 -4.99 -5.29 -49.08
CA GLU G 132 -5.53 -5.93 -47.89
C GLU G 132 -4.52 -5.78 -46.77
N ASP G 133 -4.98 -6.04 -45.55
CA ASP G 133 -4.12 -6.17 -44.38
C ASP G 133 -4.43 -7.48 -43.69
N ILE G 134 -3.41 -8.09 -43.10
CA ILE G 134 -3.54 -9.36 -42.39
C ILE G 134 -3.07 -9.16 -40.97
N ILE G 135 -3.92 -9.49 -40.00
CA ILE G 135 -3.53 -9.59 -38.60
C ILE G 135 -3.71 -11.02 -38.16
N SER G 136 -2.77 -11.51 -37.35
CA SER G 136 -2.77 -12.88 -36.89
C SER G 136 -2.28 -12.93 -35.46
N ILE G 137 -2.62 -14.03 -34.77
CA ILE G 137 -2.16 -14.28 -33.41
C ILE G 137 -1.66 -15.72 -33.34
N TRP G 138 -0.45 -15.88 -32.82
CA TRP G 138 0.23 -17.16 -32.78
C TRP G 138 0.09 -17.81 -31.41
N ASN G 139 -0.02 -19.14 -31.40
CA ASN G 139 -0.07 -19.90 -30.16
C ASN G 139 0.92 -21.05 -30.23
N LYS G 140 1.11 -21.71 -29.09
CA LYS G 140 2.30 -22.53 -28.88
C LYS G 140 2.16 -23.94 -29.47
N THR G 141 1.00 -24.57 -29.29
CA THR G 141 0.79 -25.93 -29.78
C THR G 141 -0.49 -25.97 -30.60
N ALA G 142 -0.36 -26.33 -31.88
CA ALA G 142 -1.49 -26.31 -32.78
C ALA G 142 -2.46 -27.45 -32.52
N SER G 143 -2.01 -28.53 -31.91
CA SER G 143 -2.86 -29.68 -31.63
C SER G 143 -3.79 -29.46 -30.45
N ASP G 144 -3.62 -28.36 -29.70
CA ASP G 144 -4.47 -28.04 -28.56
C ASP G 144 -5.77 -27.41 -29.08
N GLN G 145 -6.70 -28.28 -29.46
CA GLN G 145 -7.96 -27.78 -30.04
C GLN G 145 -8.73 -26.93 -29.04
N ALA G 146 -8.72 -27.32 -27.76
CA ALA G 146 -9.35 -26.50 -26.74
C ALA G 146 -8.81 -25.08 -26.75
N THR G 147 -7.48 -24.94 -26.87
CA THR G 147 -6.86 -23.61 -26.86
C THR G 147 -7.13 -22.88 -28.17
N THR G 148 -6.96 -23.56 -29.30
CA THR G 148 -7.18 -22.91 -30.58
C THR G 148 -8.63 -22.48 -30.75
N ALA G 149 -9.56 -23.28 -30.21
CA ALA G 149 -10.97 -22.91 -30.27
C ALA G 149 -11.26 -21.67 -29.43
N ARG G 150 -10.66 -21.58 -28.24
CA ARG G 150 -10.90 -20.41 -27.39
C ARG G 150 -10.27 -19.16 -28.00
N ILE G 151 -9.10 -19.28 -28.62
CA ILE G 151 -8.51 -18.13 -29.31
C ILE G 151 -9.42 -17.68 -30.44
N ARG G 152 -10.02 -18.63 -31.16
CA ARG G 152 -10.93 -18.29 -32.24
C ARG G 152 -12.07 -17.42 -31.72
N ASP G 153 -12.82 -17.91 -30.75
CA ASP G 153 -13.97 -17.18 -30.26
C ASP G 153 -13.57 -15.87 -29.59
N THR G 154 -12.44 -15.86 -28.88
CA THR G 154 -11.98 -14.62 -28.26
C THR G 154 -11.64 -13.58 -29.32
N LEU G 155 -11.03 -13.99 -30.42
CA LEU G 155 -10.75 -13.06 -31.51
C LEU G 155 -12.03 -12.45 -32.05
N ARG G 156 -13.09 -13.25 -32.19
CA ARG G 156 -14.36 -12.73 -32.68
C ARG G 156 -14.88 -11.61 -31.77
N ARG G 157 -14.97 -11.90 -30.48
CA ARG G 157 -15.53 -10.93 -29.54
C ARG G 157 -14.64 -9.69 -29.41
N VAL G 158 -13.33 -9.87 -29.39
CA VAL G 158 -12.42 -8.75 -29.17
C VAL G 158 -12.38 -7.80 -30.36
N LEU G 159 -12.58 -8.31 -31.57
CA LEU G 159 -12.60 -7.47 -32.76
C LEU G 159 -14.01 -7.12 -33.21
N ASN G 160 -15.04 -7.58 -32.51
CA ASN G 160 -16.43 -7.32 -32.89
C ASN G 160 -16.67 -7.70 -34.34
N LEU G 161 -16.17 -8.88 -34.70
CA LEU G 161 -16.34 -9.34 -36.07
C LEU G 161 -17.84 -9.52 -36.37
N PRO G 162 -18.31 -9.07 -37.52
CA PRO G 162 -19.68 -9.37 -37.91
C PRO G 162 -19.83 -10.85 -38.23
N PRO G 163 -21.05 -11.37 -38.28
CA PRO G 163 -21.22 -12.79 -38.59
C PRO G 163 -20.72 -13.12 -39.99
N ASN G 164 -20.43 -14.40 -40.19
CA ASN G 164 -19.94 -14.91 -41.47
C ASN G 164 -18.59 -14.31 -41.85
N THR G 165 -17.81 -13.84 -40.88
CA THR G 165 -16.44 -13.43 -41.17
C THR G 165 -15.58 -14.65 -41.44
N ILE G 166 -14.61 -14.50 -42.34
CA ILE G 166 -13.73 -15.59 -42.75
C ILE G 166 -12.47 -15.52 -41.92
N MET G 167 -12.07 -16.65 -41.34
CA MET G 167 -10.81 -16.79 -40.64
C MET G 167 -10.19 -18.13 -41.02
N GLU G 168 -8.87 -18.22 -40.85
CA GLU G 168 -8.12 -19.43 -41.16
C GLU G 168 -7.08 -19.67 -40.08
N TYR G 169 -7.03 -20.91 -39.59
CA TYR G 169 -5.95 -21.35 -38.71
C TYR G 169 -4.97 -22.17 -39.54
N LYS G 170 -3.72 -21.73 -39.55
CA LYS G 170 -2.64 -22.44 -40.24
C LYS G 170 -1.65 -22.93 -39.19
N THR G 171 -1.27 -24.20 -39.28
CA THR G 171 -0.17 -24.73 -38.48
C THR G 171 1.14 -24.42 -39.20
N HIS G 172 2.13 -23.95 -38.44
CA HIS G 172 3.35 -23.44 -39.04
C HIS G 172 4.03 -24.49 -39.92
N THR G 173 4.09 -25.74 -39.47
CA THR G 173 4.73 -26.78 -40.28
C THR G 173 4.08 -26.92 -41.65
N ASP G 174 2.77 -26.71 -41.72
CA ASP G 174 2.04 -26.82 -42.99
C ASP G 174 2.20 -25.60 -43.90
N SER G 175 3.17 -24.73 -43.64
CA SER G 175 3.38 -23.54 -44.45
C SER G 175 4.84 -23.38 -44.86
N ILE G 176 5.62 -24.45 -44.82
CA ILE G 176 7.05 -24.42 -45.14
C ILE G 176 7.24 -24.91 -46.56
N LYS G 177 7.96 -24.14 -47.36
CA LYS G 177 8.30 -24.60 -48.70
C LYS G 177 9.30 -25.74 -48.62
N MET G 178 9.13 -26.72 -49.50
CA MET G 178 10.07 -27.84 -49.61
C MET G 178 9.69 -28.68 -50.82
N PRO G 179 10.56 -29.59 -51.27
CA PRO G 179 10.22 -30.41 -52.43
C PRO G 179 8.84 -31.04 -52.30
N GLY G 180 8.06 -30.96 -53.36
CA GLY G 180 6.67 -31.39 -53.33
C GLY G 180 5.71 -30.36 -52.77
N ARG G 181 6.20 -29.31 -52.11
CA ARG G 181 5.35 -28.24 -51.60
C ARG G 181 6.04 -26.90 -51.83
N LEU G 182 6.56 -26.70 -53.03
CA LEU G 182 7.19 -25.44 -53.39
C LEU G 182 6.19 -24.37 -53.80
N GLY G 183 4.89 -24.65 -53.69
CA GLY G 183 3.88 -23.75 -54.18
C GLY G 183 4.07 -23.49 -55.66
N PRO G 184 3.24 -22.61 -56.23
CA PRO G 184 3.44 -22.23 -57.64
C PRO G 184 4.80 -21.60 -57.84
N GLN G 185 5.44 -21.94 -58.96
CA GLN G 185 6.79 -21.50 -59.24
C GLN G 185 6.94 -21.19 -60.72
N ARG G 186 7.79 -20.21 -61.02
CA ARG G 186 8.04 -19.79 -62.38
C ARG G 186 9.06 -20.72 -63.02
N LEU G 187 8.85 -21.05 -64.29
CA LEU G 187 9.65 -22.06 -64.96
C LEU G 187 10.83 -21.41 -65.68
N LEU G 188 12.04 -21.83 -65.31
CA LEU G 188 13.26 -21.21 -65.80
C LEU G 188 13.57 -21.68 -67.21
N ASP H 10 -0.04 -13.25 -11.66
CA ASP H 10 -1.27 -13.39 -12.43
C ASP H 10 -1.85 -12.02 -12.80
N TYR H 11 -1.16 -11.32 -13.70
CA TYR H 11 -1.51 -9.95 -14.06
C TYR H 11 -2.41 -9.95 -15.29
N ARG H 12 -3.65 -9.49 -15.12
CA ARG H 12 -4.59 -9.37 -16.21
C ARG H 12 -5.20 -7.97 -16.19
N TYR H 13 -5.66 -7.52 -17.36
CA TYR H 13 -6.21 -6.18 -17.49
C TYR H 13 -7.29 -6.19 -18.56
N GLY H 14 -8.49 -5.81 -18.16
CA GLY H 14 -9.56 -5.64 -19.11
C GLY H 14 -9.28 -4.46 -20.03
N ARG H 15 -10.10 -4.35 -21.07
CA ARG H 15 -9.90 -3.27 -22.03
C ARG H 15 -9.97 -1.92 -21.34
N GLU H 16 -10.96 -1.72 -20.47
CA GLU H 16 -11.08 -0.44 -19.78
C GLU H 16 -9.88 -0.20 -18.86
N GLU H 17 -9.43 -1.24 -18.17
CA GLU H 17 -8.27 -1.10 -17.29
C GLU H 17 -7.03 -0.67 -18.08
N MET H 18 -6.81 -1.29 -19.24
CA MET H 18 -5.66 -0.92 -20.06
C MET H 18 -5.74 0.53 -20.48
N LEU H 19 -6.95 1.02 -20.78
CA LEU H 19 -7.09 2.39 -21.28
C LEU H 19 -6.90 3.41 -20.18
N ALA H 20 -7.51 3.18 -19.01
CA ALA H 20 -7.37 4.11 -17.90
C ALA H 20 -5.92 4.33 -17.50
N LEU H 21 -5.02 3.44 -17.89
CA LEU H 21 -3.60 3.57 -17.58
C LEU H 21 -2.81 4.28 -18.68
N TYR H 22 -3.47 4.76 -19.74
CA TYR H 22 -2.77 5.56 -20.72
C TYR H 22 -2.54 6.97 -20.19
N VAL H 23 -1.35 7.50 -20.43
CA VAL H 23 -0.99 8.85 -20.00
C VAL H 23 -0.15 9.48 -21.10
N LYS H 24 -0.62 10.59 -21.65
CA LYS H 24 0.13 11.31 -22.66
C LYS H 24 1.54 11.60 -22.16
N GLU H 25 2.54 11.27 -22.99
CA GLU H 25 3.94 11.45 -22.62
C GLU H 25 4.71 11.82 -23.88
N ASN H 26 5.18 13.06 -23.95
CA ASN H 26 5.93 13.52 -25.12
C ASN H 26 7.32 12.89 -25.22
N LYS H 27 7.79 12.24 -24.16
CA LYS H 27 9.07 11.56 -24.22
C LYS H 27 9.00 10.43 -25.25
N VAL H 28 9.98 10.37 -26.12
CA VAL H 28 10.06 9.33 -27.15
C VAL H 28 11.02 8.25 -26.67
N PRO H 29 10.63 6.97 -26.70
CA PRO H 29 11.59 5.91 -26.31
C PRO H 29 12.84 5.94 -27.17
N GLU H 30 13.98 5.71 -26.51
CA GLU H 30 15.26 5.73 -27.21
C GLU H 30 15.26 4.77 -28.39
N GLU H 31 14.72 3.57 -28.19
CA GLU H 31 14.76 2.54 -29.23
C GLU H 31 14.16 3.05 -30.54
N LEU H 32 13.12 3.88 -30.46
CA LEU H 32 12.42 4.32 -31.66
C LEU H 32 13.13 5.47 -32.37
N GLN H 33 13.98 6.23 -31.68
CA GLN H 33 14.74 7.28 -32.34
C GLN H 33 15.82 6.73 -33.26
N ASP H 34 16.07 5.42 -33.24
CA ASP H 34 16.98 4.82 -34.19
C ASP H 34 16.51 5.10 -35.62
N LYS H 35 17.46 5.37 -36.52
CA LYS H 35 17.12 5.73 -37.88
C LYS H 35 16.46 4.59 -38.64
N GLU H 36 16.70 3.34 -38.25
CA GLU H 36 16.06 2.22 -38.94
C GLU H 36 14.54 2.30 -38.84
N PHE H 37 14.02 3.02 -37.85
CA PHE H 37 12.58 3.09 -37.60
C PHE H 37 12.01 4.46 -37.96
N ALA H 38 12.65 5.19 -38.87
CA ALA H 38 12.15 6.49 -39.29
C ALA H 38 10.69 6.40 -39.72
N ALA H 39 10.38 5.41 -40.56
CA ALA H 39 9.01 5.24 -41.05
C ALA H 39 8.03 4.83 -39.94
N VAL H 40 8.54 4.42 -38.78
CA VAL H 40 7.68 4.02 -37.67
C VAL H 40 7.54 5.11 -36.61
N LEU H 41 8.50 6.03 -36.52
CA LEU H 41 8.54 6.96 -35.41
C LEU H 41 7.42 7.99 -35.51
N GLN H 42 6.73 8.20 -34.39
CA GLN H 42 5.70 9.22 -34.25
C GLN H 42 6.10 10.13 -33.09
N ASP H 43 6.55 11.35 -33.43
CA ASP H 43 7.05 12.27 -32.40
C ASP H 43 5.92 12.72 -31.48
N GLU H 44 4.92 13.38 -32.03
CA GLU H 44 3.80 13.82 -31.20
C GLU H 44 2.99 12.60 -30.77
N PRO H 45 2.74 12.41 -29.48
CA PRO H 45 2.05 11.20 -29.04
C PRO H 45 0.59 11.17 -29.50
N LEU H 46 0.14 9.97 -29.85
CA LEU H 46 -1.24 9.74 -30.28
C LEU H 46 -1.99 8.97 -29.19
N GLN H 47 -3.20 9.43 -28.86
CA GLN H 47 -4.00 8.73 -27.89
C GLN H 47 -4.52 7.43 -28.49
N PRO H 48 -4.93 6.47 -27.66
CA PRO H 48 -5.43 5.21 -28.20
C PRO H 48 -6.65 5.41 -29.07
N LEU H 49 -6.72 4.63 -30.16
CA LEU H 49 -7.86 4.72 -31.06
C LEU H 49 -9.16 4.34 -30.37
N ALA H 50 -9.10 3.58 -29.27
CA ALA H 50 -10.30 3.23 -28.54
C ALA H 50 -11.06 4.47 -28.09
N LEU H 51 -10.35 5.58 -27.90
CA LEU H 51 -10.97 6.82 -27.43
C LEU H 51 -11.48 7.70 -28.57
N GLU H 52 -10.94 7.54 -29.78
CA GLU H 52 -11.42 8.35 -30.89
C GLU H 52 -12.64 7.70 -31.52
N PRO H 53 -13.77 8.40 -31.67
CA PRO H 53 -14.98 7.74 -32.19
C PRO H 53 -14.82 7.33 -33.64
N LEU H 54 -15.62 6.33 -34.02
CA LEU H 54 -15.58 5.83 -35.39
C LEU H 54 -16.23 6.82 -36.34
N THR H 55 -15.66 6.92 -37.54
CA THR H 55 -16.27 7.72 -38.59
C THR H 55 -17.50 7.02 -39.16
N GLU H 56 -18.41 7.81 -39.72
CA GLU H 56 -19.64 7.26 -40.26
C GLU H 56 -19.36 6.21 -41.32
N GLU H 57 -18.23 6.33 -42.02
CA GLU H 57 -17.81 5.27 -42.94
C GLU H 57 -17.26 4.06 -42.18
N GLU H 58 -16.43 4.31 -41.16
CA GLU H 58 -15.86 3.23 -40.37
C GLU H 58 -16.93 2.35 -39.76
N GLN H 59 -18.09 2.91 -39.42
CA GLN H 59 -19.13 2.13 -38.75
C GLN H 59 -19.81 1.18 -39.73
N ARG H 60 -20.15 1.66 -40.92
CA ARG H 60 -20.81 0.81 -41.91
C ARG H 60 -19.99 -0.45 -42.19
N ASN H 61 -18.68 -0.28 -42.42
CA ASN H 61 -17.85 -1.41 -42.79
C ASN H 61 -17.81 -2.47 -41.69
N PHE H 62 -17.56 -2.04 -40.45
CA PHE H 62 -17.41 -2.99 -39.35
C PHE H 62 -18.70 -3.76 -39.06
N SER H 63 -19.82 -3.38 -39.65
CA SER H 63 -21.11 -3.98 -39.33
C SER H 63 -21.58 -4.99 -40.38
N LEU H 64 -20.98 -5.00 -41.57
CA LEU H 64 -21.39 -5.89 -42.64
C LEU H 64 -20.31 -6.91 -42.99
N SER H 65 -19.15 -6.45 -43.44
CA SER H 65 -18.06 -7.35 -43.80
C SER H 65 -16.74 -6.63 -43.60
N VAL H 66 -15.79 -7.34 -42.99
CA VAL H 66 -14.44 -6.84 -42.78
C VAL H 66 -13.42 -7.53 -43.67
N ASN H 67 -13.81 -8.61 -44.34
CA ASN H 67 -12.86 -9.41 -45.10
C ASN H 67 -12.41 -8.70 -46.36
N SER H 68 -11.19 -9.02 -46.79
CA SER H 68 -10.63 -8.46 -48.01
C SER H 68 -11.24 -9.14 -49.23
N VAL H 69 -11.19 -8.43 -50.36
CA VAL H 69 -11.59 -9.01 -51.64
C VAL H 69 -10.82 -10.31 -51.89
N ALA H 70 -9.51 -10.30 -51.62
CA ALA H 70 -8.66 -11.43 -51.98
C ALA H 70 -9.16 -12.73 -51.36
N VAL H 71 -9.48 -12.69 -50.07
CA VAL H 71 -9.92 -13.91 -49.39
C VAL H 71 -11.31 -14.32 -49.88
N LEU H 72 -12.19 -13.34 -50.09
CA LEU H 72 -13.54 -13.66 -50.56
C LEU H 72 -13.53 -14.36 -51.92
N ARG H 73 -12.47 -14.16 -52.71
CA ARG H 73 -12.36 -14.82 -54.00
C ARG H 73 -11.95 -16.27 -53.89
N LEU H 74 -11.48 -16.71 -52.72
CA LEU H 74 -11.06 -18.08 -52.51
C LEU H 74 -12.17 -18.94 -51.90
N MET H 75 -13.40 -18.45 -51.88
CA MET H 75 -14.51 -19.19 -51.31
C MET H 75 -15.33 -19.85 -52.43
#